data_6EVH
# 
_entry.id   6EVH 
# 
_audit_conform.dict_name       mmcif_pdbx.dic 
_audit_conform.dict_version    5.381 
_audit_conform.dict_location   http://mmcif.pdb.org/dictionaries/ascii/mmcif_pdbx.dic 
# 
loop_
_database_2.database_id 
_database_2.database_code 
_database_2.pdbx_database_accession 
_database_2.pdbx_DOI 
PDB   6EVH         pdb_00006evh 10.2210/pdb6evh/pdb 
WWPDB D_1200007280 ?            ?                   
# 
_pdbx_database_status.status_code                     REL 
_pdbx_database_status.status_code_sf                  REL 
_pdbx_database_status.status_code_mr                  ? 
_pdbx_database_status.entry_id                        6EVH 
_pdbx_database_status.recvd_initial_deposition_date   2017-11-01 
_pdbx_database_status.SG_entry                        N 
_pdbx_database_status.deposit_site                    PDBE 
_pdbx_database_status.process_site                    PDBE 
_pdbx_database_status.status_code_cs                  ? 
_pdbx_database_status.methods_development_category    ? 
_pdbx_database_status.pdb_format_compatible           Y 
_pdbx_database_status.status_code_nmr_data            ? 
# 
loop_
_audit_author.name 
_audit_author.pdbx_ordinal 
_audit_author.identifier_ORCID 
'Gessmann, R.' 1 ? 
'Petratos, K.' 2 ? 
# 
_citation.abstract                  ? 
_citation.abstract_id_CAS           ? 
_citation.book_id_ISBN              ? 
_citation.book_publisher            ? 
_citation.book_publisher_city       ? 
_citation.book_title                ? 
_citation.coordinate_linkage        ? 
_citation.country                   ? 
_citation.database_id_Medline       ? 
_citation.details                   ? 
_citation.id                        primary 
_citation.journal_abbrev            'Acta Cryst. D' 
_citation.journal_id_ASTM           ? 
_citation.journal_id_CSD            ? 
_citation.journal_id_ISSN           2058-7983 
_citation.journal_full              ? 
_citation.journal_issue             ? 
_citation.journal_volume            74 
_citation.language                  ? 
_citation.page_first                ? 
_citation.page_last                 ? 
_citation.title                     'Aminolipopeptide helioferin A and B' 
_citation.year                      2018 
_citation.database_id_CSD           ? 
_citation.pdbx_database_id_DOI      10.1107/S2059798318001857 
_citation.pdbx_database_id_PubMed   29652258 
_citation.unpublished_flag          ? 
# 
loop_
_citation_author.citation_id 
_citation_author.name 
_citation_author.ordinal 
_citation_author.identifier_ORCID 
primary 'Gessmann, R.' 1 ? 
primary 'Petratos, K.' 2 ? 
# 
_cell.angle_alpha                  90.00 
_cell.angle_alpha_esd              ? 
_cell.angle_beta                   93.05 
_cell.angle_beta_esd               ? 
_cell.angle_gamma                  90.00 
_cell.angle_gamma_esd              ? 
_cell.entry_id                     6EVH 
_cell.details                      ? 
_cell.formula_units_Z              ? 
_cell.length_a                     34.711 
_cell.length_a_esd                 ? 
_cell.length_b                     10.886 
_cell.length_b_esd                 ? 
_cell.length_c                     17.150 
_cell.length_c_esd                 ? 
_cell.volume                       ? 
_cell.volume_esd                   ? 
_cell.Z_PDB                        4 
_cell.reciprocal_angle_alpha       ? 
_cell.reciprocal_angle_beta        ? 
_cell.reciprocal_angle_gamma       ? 
_cell.reciprocal_angle_alpha_esd   ? 
_cell.reciprocal_angle_beta_esd    ? 
_cell.reciprocal_angle_gamma_esd   ? 
_cell.reciprocal_length_a          ? 
_cell.reciprocal_length_b          ? 
_cell.reciprocal_length_c          ? 
_cell.reciprocal_length_a_esd      ? 
_cell.reciprocal_length_b_esd      ? 
_cell.reciprocal_length_c_esd      ? 
_cell.pdbx_unique_axis             ? 
# 
_symmetry.entry_id                         6EVH 
_symmetry.cell_setting                     ? 
_symmetry.Int_Tables_number                5 
_symmetry.space_group_name_Hall            ? 
_symmetry.space_group_name_H-M             'C 1 2 1' 
_symmetry.pdbx_full_space_group_name_H-M   ? 
# 
loop_
_entity.id 
_entity.type 
_entity.src_method 
_entity.pdbx_description 
_entity.formula_weight 
_entity.pdbx_number_of_molecules 
_entity.pdbx_ec 
_entity.pdbx_mutation 
_entity.pdbx_fragment 
_entity.details 
1 polymer     nat 'Lipoaminopeptide helioferin A and B' 1121.496 1 ? ? ? 
;MOO is 2-methyl-N-1-oxooctanoic acid,AMO is AHMOD is (2S, 4S, 6S)-2-amino-6-hydroxy-4-methyl-8-oxodecanoyl,AIB is alpha-aminoisobutyric acid,C9K is APAE is conformation A 2-(2-aminopropyl)aminoethanol and C9N, conformation B AMAE is 2-[(2-aminopropyl)-methylamino]-ethanol
;
2 non-polymer syn 'CHLORIDE ION'                        35.453   1 ? ? ? ? 
3 non-polymer syn 'FLUORIDE ION'                        18.998   1 ? ? ? ? 
# 
_entity_poly.entity_id                      1 
_entity_poly.type                           'polypeptide(L)' 
_entity_poly.nstd_linkage                   no 
_entity_poly.nstd_monomer                   yes 
_entity_poly.pdbx_seq_one_letter_code       '(C9T)P(BZK)A(AIB)II(AIB)(AIB)(C9K)' 
_entity_poly.pdbx_seq_one_letter_code_can   XPXAAIIAAX 
_entity_poly.pdbx_strand_id                 A 
_entity_poly.pdbx_target_identifier         ? 
# 
loop_
_entity_poly_seq.entity_id 
_entity_poly_seq.num 
_entity_poly_seq.mon_id 
_entity_poly_seq.hetero 
1 1  C9T n 
1 2  PRO n 
1 3  BZK n 
1 4  ALA n 
1 5  AIB n 
1 6  ILE n 
1 7  ILE n 
1 8  AIB n 
1 9  AIB n 
1 10 C9K y 
1 10 C9N y 
# 
_entity_src_nat.entity_id                  1 
_entity_src_nat.pdbx_src_id                1 
_entity_src_nat.pdbx_alt_source_flag       sample 
_entity_src_nat.pdbx_beg_seq_num           1 
_entity_src_nat.pdbx_end_seq_num           10 
_entity_src_nat.common_name                ? 
_entity_src_nat.pdbx_organism_scientific   'Mycogone rosea' 
_entity_src_nat.pdbx_ncbi_taxonomy_id      129585 
_entity_src_nat.genus                      ? 
_entity_src_nat.species                    ? 
_entity_src_nat.strain                     ? 
_entity_src_nat.tissue                     ? 
_entity_src_nat.tissue_fraction            ? 
_entity_src_nat.pdbx_secretion             ? 
_entity_src_nat.pdbx_fragment              ? 
_entity_src_nat.pdbx_variant               ? 
_entity_src_nat.pdbx_cell_line             ? 
_entity_src_nat.pdbx_atcc                  ? 
_entity_src_nat.pdbx_cellular_location     ? 
_entity_src_nat.pdbx_organ                 ? 
_entity_src_nat.pdbx_organelle             ? 
_entity_src_nat.pdbx_cell                  ? 
_entity_src_nat.pdbx_plasmid_name          ? 
_entity_src_nat.pdbx_plasmid_details       ? 
_entity_src_nat.details                    ? 
# 
_struct_ref.id                         1 
_struct_ref.db_name                    PDB 
_struct_ref.db_code                    6EVH 
_struct_ref.pdbx_db_accession          6EVH 
_struct_ref.pdbx_db_isoform            ? 
_struct_ref.entity_id                  1 
_struct_ref.pdbx_seq_one_letter_code   ? 
_struct_ref.pdbx_align_begin           1 
# 
_struct_ref_seq.align_id                      1 
_struct_ref_seq.ref_id                        1 
_struct_ref_seq.pdbx_PDB_id_code              6EVH 
_struct_ref_seq.pdbx_strand_id                A 
_struct_ref_seq.seq_align_beg                 1 
_struct_ref_seq.pdbx_seq_align_beg_ins_code   ? 
_struct_ref_seq.seq_align_end                 10 
_struct_ref_seq.pdbx_seq_align_end_ins_code   ? 
_struct_ref_seq.pdbx_db_accession             6EVH 
_struct_ref_seq.db_align_beg                  0 
_struct_ref_seq.pdbx_db_align_beg_ins_code    ? 
_struct_ref_seq.db_align_end                  9 
_struct_ref_seq.pdbx_db_align_end_ins_code    ? 
_struct_ref_seq.pdbx_auth_seq_align_beg       0 
_struct_ref_seq.pdbx_auth_seq_align_end       9 
# 
loop_
_chem_comp.id 
_chem_comp.type 
_chem_comp.mon_nstd_flag 
_chem_comp.name 
_chem_comp.pdbx_synonyms 
_chem_comp.formula 
_chem_comp.formula_weight 
AIB 'L-peptide linking' n 'ALPHA-AMINOISOBUTYRIC ACID'                                 ? 'C4 H9 N O2'   103.120 
ALA 'L-peptide linking' y ALANINE                                                      ? 'C3 H7 N O2'   89.093  
BZK 'L-peptide linking' . '(2S, 4S, 6S)-2-amino-6-hydroxy-4-methyl-8-oxodecanoic acid' ? 'C11 H21 N O4' 231.289 
C9K non-polymer         . '2-[[(2~{S})-2-azanylpropyl]amino]ethanol'                   ? 'C5 H14 N2 O'  118.177 
C9N non-polymer         . '2-[[(2~{S})-2-azanylpropyl]-methyl-amino]ethanol'           ? 'C6 H16 N2 O'  132.204 
C9T non-polymer         . '(2~{R})-2-methyloctanoic acid'                              ? 'C9 H18 O2'    158.238 
CL  non-polymer         . 'CHLORIDE ION'                                               ? 'Cl -1'        35.453  
F   non-polymer         . 'FLUORIDE ION'                                               ? 'F -1'         18.998  
ILE 'L-peptide linking' y ISOLEUCINE                                                   ? 'C6 H13 N O2'  131.173 
PRO 'L-peptide linking' y PROLINE                                                      ? 'C5 H9 N O2'   115.130 
# 
_exptl.absorpt_coefficient_mu     ? 
_exptl.absorpt_correction_T_max   ? 
_exptl.absorpt_correction_T_min   ? 
_exptl.absorpt_correction_type    ? 
_exptl.absorpt_process_details    ? 
_exptl.entry_id                   6EVH 
_exptl.crystals_number            1 
_exptl.details                    ? 
_exptl.method                     'X-RAY DIFFRACTION' 
_exptl.method_details             ? 
# 
_exptl_crystal.colour                      ? 
_exptl_crystal.density_diffrn              ? 
_exptl_crystal.density_Matthews            1.44 
_exptl_crystal.density_method              ? 
_exptl_crystal.density_percent_sol         ? 
_exptl_crystal.description                 'plate, 0.5 mm x 0.2 mm x 0.03' 
_exptl_crystal.F_000                       ? 
_exptl_crystal.id                          1 
_exptl_crystal.preparation                 ? 
_exptl_crystal.size_max                    ? 
_exptl_crystal.size_mid                    ? 
_exptl_crystal.size_min                    ? 
_exptl_crystal.size_rad                    ? 
_exptl_crystal.colour_lustre               ? 
_exptl_crystal.colour_modifier             ? 
_exptl_crystal.colour_primary              ? 
_exptl_crystal.density_meas                ? 
_exptl_crystal.density_meas_esd            ? 
_exptl_crystal.density_meas_gt             ? 
_exptl_crystal.density_meas_lt             ? 
_exptl_crystal.density_meas_temp           ? 
_exptl_crystal.density_meas_temp_esd       ? 
_exptl_crystal.density_meas_temp_gt        ? 
_exptl_crystal.density_meas_temp_lt        ? 
_exptl_crystal.pdbx_crystal_image_url      ? 
_exptl_crystal.pdbx_crystal_image_format   ? 
_exptl_crystal.pdbx_mosaicity              ? 
_exptl_crystal.pdbx_mosaicity_esd          ? 
# 
_exptl_crystal_grow.apparatus       ? 
_exptl_crystal_grow.atmosphere      ? 
_exptl_crystal_grow.crystal_id      1 
_exptl_crystal_grow.details         ? 
_exptl_crystal_grow.method          EVAPORATION 
_exptl_crystal_grow.method_ref      ? 
_exptl_crystal_grow.pH              ? 
_exptl_crystal_grow.pressure        ? 
_exptl_crystal_grow.pressure_esd    ? 
_exptl_crystal_grow.seeding         ? 
_exptl_crystal_grow.seeding_ref     ? 
_exptl_crystal_grow.temp            297 
_exptl_crystal_grow.temp_details    ? 
_exptl_crystal_grow.temp_esd        ? 
_exptl_crystal_grow.time            ? 
_exptl_crystal_grow.pdbx_details    
;slow evaporation in a 
closed vial
;
_exptl_crystal_grow.pdbx_pH_range   ? 
# 
_diffrn.ambient_environment    ? 
_diffrn.ambient_temp           100 
_diffrn.ambient_temp_details   ? 
_diffrn.ambient_temp_esd       ? 
_diffrn.crystal_id             1 
_diffrn.crystal_support        ? 
_diffrn.crystal_treatment      ? 
_diffrn.details                ? 
_diffrn.id                     1 
_diffrn.ambient_pressure       ? 
_diffrn.ambient_pressure_esd   ? 
_diffrn.ambient_pressure_gt    ? 
_diffrn.ambient_pressure_lt    ? 
_diffrn.ambient_temp_gt        ? 
_diffrn.ambient_temp_lt        ? 
# 
_diffrn_detector.details                      ? 
_diffrn_detector.detector                     CMOS 
_diffrn_detector.diffrn_id                    1 
_diffrn_detector.type                         'RDI CMOS_8M' 
_diffrn_detector.area_resol_mean              ? 
_diffrn_detector.dtime                        ? 
_diffrn_detector.pdbx_frames_total            ? 
_diffrn_detector.pdbx_collection_time_total   ? 
_diffrn_detector.pdbx_collection_date         2017-06-07 
# 
_diffrn_radiation.collimation                      ? 
_diffrn_radiation.diffrn_id                        1 
_diffrn_radiation.filter_edge                      ? 
_diffrn_radiation.inhomogeneity                    ? 
_diffrn_radiation.monochromator                    ? 
_diffrn_radiation.polarisn_norm                    ? 
_diffrn_radiation.polarisn_ratio                   ? 
_diffrn_radiation.probe                            ? 
_diffrn_radiation.type                             ? 
_diffrn_radiation.xray_symbol                      ? 
_diffrn_radiation.wavelength_id                    1 
_diffrn_radiation.pdbx_monochromatic_or_laue_m_l   M 
_diffrn_radiation.pdbx_wavelength_list             ? 
_diffrn_radiation.pdbx_wavelength                  ? 
_diffrn_radiation.pdbx_diffrn_protocol             'SINGLE WAVELENGTH' 
_diffrn_radiation.pdbx_analyzer                    ? 
_diffrn_radiation.pdbx_scattering_type             x-ray 
# 
_diffrn_radiation_wavelength.id           1 
_diffrn_radiation_wavelength.wavelength   1.54178 
_diffrn_radiation_wavelength.wt           1.0 
# 
_diffrn_source.current                     ? 
_diffrn_source.details                     ? 
_diffrn_source.diffrn_id                   1 
_diffrn_source.power                       ? 
_diffrn_source.size                        ? 
_diffrn_source.source                      'SEALED TUBE' 
_diffrn_source.target                      ? 
_diffrn_source.type                        'BRUKER IMUS MICROFOCUS' 
_diffrn_source.voltage                     ? 
_diffrn_source.take-off_angle              ? 
_diffrn_source.pdbx_wavelength_list        1.54178 
_diffrn_source.pdbx_wavelength             ? 
_diffrn_source.pdbx_synchrotron_beamline   ? 
_diffrn_source.pdbx_synchrotron_site       ? 
# 
_reflns.B_iso_Wilson_estimate            ? 
_reflns.entry_id                         6EVH 
_reflns.data_reduction_details           ? 
_reflns.data_reduction_method            ? 
_reflns.d_resolution_high                0.82 
_reflns.d_resolution_low                 17.3 
_reflns.details                          ? 
_reflns.limit_h_max                      ? 
_reflns.limit_h_min                      ? 
_reflns.limit_k_max                      ? 
_reflns.limit_k_min                      ? 
_reflns.limit_l_max                      ? 
_reflns.limit_l_min                      ? 
_reflns.number_all                       ? 
_reflns.number_obs                       11314 
_reflns.observed_criterion               ? 
_reflns.observed_criterion_F_max         ? 
_reflns.observed_criterion_F_min         ? 
_reflns.observed_criterion_I_max         ? 
_reflns.observed_criterion_I_min         ? 
_reflns.observed_criterion_sigma_F       ? 
_reflns.observed_criterion_sigma_I       ? 
_reflns.percent_possible_obs             91.5 
_reflns.R_free_details                   ? 
_reflns.Rmerge_F_all                     ? 
_reflns.Rmerge_F_obs                     ? 
_reflns.Friedel_coverage                 ? 
_reflns.number_gt                        ? 
_reflns.threshold_expression             ? 
_reflns.pdbx_redundancy                  9.7 
_reflns.pdbx_Rmerge_I_obs                ? 
_reflns.pdbx_Rmerge_I_all                ? 
_reflns.pdbx_Rsym_value                  ? 
_reflns.pdbx_netI_over_av_sigmaI         ? 
_reflns.pdbx_netI_over_sigmaI            26.2 
_reflns.pdbx_res_netI_over_av_sigmaI_2   ? 
_reflns.pdbx_res_netI_over_sigmaI_2      ? 
_reflns.pdbx_chi_squared                 ? 
_reflns.pdbx_scaling_rejects             ? 
_reflns.pdbx_d_res_high_opt              ? 
_reflns.pdbx_d_res_low_opt               ? 
_reflns.pdbx_d_res_opt_method            ? 
_reflns.phase_calculation_details        ? 
_reflns.pdbx_Rrim_I_all                  ? 
_reflns.pdbx_Rpim_I_all                  ? 
_reflns.pdbx_d_opt                       ? 
_reflns.pdbx_number_measured_all         ? 
_reflns.pdbx_diffrn_id                   1 
_reflns.pdbx_ordinal                     1 
_reflns.pdbx_CC_half                     ? 
_reflns.pdbx_R_split                     ? 
# 
_reflns_shell.d_res_high                  0.9 
_reflns_shell.d_res_low                   1.0 
_reflns_shell.meanI_over_sigI_all         ? 
_reflns_shell.meanI_over_sigI_obs         ? 
_reflns_shell.number_measured_all         ? 
_reflns_shell.number_measured_obs         ? 
_reflns_shell.number_possible             ? 
_reflns_shell.number_unique_all           ? 
_reflns_shell.number_unique_obs           ? 
_reflns_shell.percent_possible_all        ? 
_reflns_shell.percent_possible_obs        ? 
_reflns_shell.Rmerge_F_all                ? 
_reflns_shell.Rmerge_F_obs                ? 
_reflns_shell.Rmerge_I_all                ? 
_reflns_shell.Rmerge_I_obs                ? 
_reflns_shell.meanI_over_sigI_gt          ? 
_reflns_shell.meanI_over_uI_all           ? 
_reflns_shell.meanI_over_uI_gt            ? 
_reflns_shell.number_measured_gt          ? 
_reflns_shell.number_unique_gt            ? 
_reflns_shell.percent_possible_gt         ? 
_reflns_shell.Rmerge_F_gt                 ? 
_reflns_shell.Rmerge_I_gt                 ? 
_reflns_shell.pdbx_redundancy             ? 
_reflns_shell.pdbx_Rsym_value             ? 
_reflns_shell.pdbx_chi_squared            ? 
_reflns_shell.pdbx_netI_over_sigmaI_all   ? 
_reflns_shell.pdbx_netI_over_sigmaI_obs   ? 
_reflns_shell.pdbx_Rrim_I_all             ? 
_reflns_shell.pdbx_Rpim_I_all             ? 
_reflns_shell.pdbx_rejects                ? 
_reflns_shell.pdbx_ordinal                1 
_reflns_shell.pdbx_diffrn_id              1 
_reflns_shell.pdbx_CC_half                ? 
_reflns_shell.pdbx_R_split                ? 
# 
_refine.aniso_B[1][1]                            ? 
_refine.aniso_B[1][2]                            ? 
_refine.aniso_B[1][3]                            ? 
_refine.aniso_B[2][2]                            ? 
_refine.aniso_B[2][3]                            ? 
_refine.aniso_B[3][3]                            ? 
_refine.B_iso_max                                ? 
_refine.B_iso_mean                               8.0 
_refine.B_iso_min                                ? 
_refine.correlation_coeff_Fo_to_Fc               ? 
_refine.correlation_coeff_Fo_to_Fc_free          ? 
_refine.details                                  
;The last amino alcohol residue is Apae in helioferin A and Amae in helioferin B.
The deposited structure is neutral
The presence of a proton at N2 of the last residue Apae/Amae is implicated.
;
_refine.diff_density_max                         ? 
_refine.diff_density_max_esd                     ? 
_refine.diff_density_min                         ? 
_refine.diff_density_min_esd                     ? 
_refine.diff_density_rms                         ? 
_refine.diff_density_rms_esd                     ? 
_refine.entry_id                                 6EVH 
_refine.pdbx_refine_id                           'X-RAY DIFFRACTION' 
_refine.ls_abs_structure_details                 ? 
_refine.ls_abs_structure_Flack                   ? 
_refine.ls_abs_structure_Flack_esd               ? 
_refine.ls_abs_structure_Rogers                  ? 
_refine.ls_abs_structure_Rogers_esd              ? 
_refine.ls_d_res_high                            0.9 
_refine.ls_d_res_low                             17.3 
_refine.ls_extinction_coef                       ? 
_refine.ls_extinction_coef_esd                   ? 
_refine.ls_extinction_expression                 ? 
_refine.ls_extinction_method                     ? 
_refine.ls_goodness_of_fit_all                   ? 
_refine.ls_goodness_of_fit_all_esd               ? 
_refine.ls_goodness_of_fit_obs                   ? 
_refine.ls_goodness_of_fit_obs_esd               ? 
_refine.ls_hydrogen_treatment                    ? 
_refine.ls_matrix_type                           ? 
_refine.ls_number_constraints                    ? 
_refine.ls_number_parameters                     ? 
_refine.ls_number_reflns_all                     ? 
_refine.ls_number_reflns_obs                     8673 
_refine.ls_number_reflns_R_free                  467 
_refine.ls_number_reflns_R_work                  ? 
_refine.ls_number_restraints                     ? 
_refine.ls_percent_reflns_obs                    93.3 
_refine.ls_percent_reflns_R_free                 5 
_refine.ls_R_factor_all                          ? 
_refine.ls_R_factor_obs                          0.0856 
_refine.ls_R_factor_R_free                       0.0932 
_refine.ls_R_factor_R_free_error                 ? 
_refine.ls_R_factor_R_free_error_details         ? 
_refine.ls_R_factor_R_work                       0.0851 
_refine.ls_R_Fsqd_factor_obs                     ? 
_refine.ls_R_I_factor_obs                        ? 
_refine.ls_redundancy_reflns_all                 ? 
_refine.ls_redundancy_reflns_obs                 ? 
_refine.ls_restrained_S_all                      ? 
_refine.ls_restrained_S_obs                      ? 
_refine.ls_shift_over_esd_max                    ? 
_refine.ls_shift_over_esd_mean                   ? 
_refine.ls_structure_factor_coef                 ? 
_refine.ls_weighting_details                     ? 
_refine.ls_weighting_scheme                      ? 
_refine.ls_wR_factor_all                         ? 
_refine.ls_wR_factor_obs                         ? 
_refine.ls_wR_factor_R_free                      ? 
_refine.ls_wR_factor_R_work                      ? 
_refine.occupancy_max                            ? 
_refine.occupancy_min                            ? 
_refine.solvent_model_details                    ? 
_refine.solvent_model_param_bsol                 ? 
_refine.solvent_model_param_ksol                 ? 
_refine.ls_R_factor_gt                           ? 
_refine.ls_goodness_of_fit_gt                    ? 
_refine.ls_goodness_of_fit_ref                   ? 
_refine.ls_shift_over_su_max                     ? 
_refine.ls_shift_over_su_max_lt                  ? 
_refine.ls_shift_over_su_mean                    ? 
_refine.ls_shift_over_su_mean_lt                 ? 
_refine.pdbx_ls_sigma_I                          ? 
_refine.pdbx_ls_sigma_F                          ? 
_refine.pdbx_ls_sigma_Fsqd                       ? 
_refine.pdbx_data_cutoff_high_absF               ? 
_refine.pdbx_data_cutoff_high_rms_absF           ? 
_refine.pdbx_data_cutoff_low_absF                ? 
_refine.pdbx_isotropic_thermal_model             ? 
_refine.pdbx_ls_cross_valid_method               'FREE R-VALUE' 
_refine.pdbx_method_to_determine_struct          'AB INITIO PHASING' 
_refine.pdbx_starting_model                      ? 
_refine.pdbx_stereochemistry_target_values       ? 
_refine.pdbx_R_Free_selection_details            'thin shells' 
_refine.pdbx_stereochem_target_val_spec_case     ? 
_refine.pdbx_overall_ESU_R                       ? 
_refine.pdbx_overall_ESU_R_Free                  ? 
_refine.pdbx_solvent_vdw_probe_radii             ? 
_refine.pdbx_solvent_ion_probe_radii             ? 
_refine.pdbx_solvent_shrinkage_radii             ? 
_refine.pdbx_real_space_R                        ? 
_refine.pdbx_density_correlation                 ? 
_refine.pdbx_pd_number_of_powder_patterns        ? 
_refine.pdbx_pd_number_of_points                 ? 
_refine.pdbx_pd_meas_number_of_points            ? 
_refine.pdbx_pd_proc_ls_prof_R_factor            ? 
_refine.pdbx_pd_proc_ls_prof_wR_factor           ? 
_refine.pdbx_pd_Marquardt_correlation_coeff      ? 
_refine.pdbx_pd_Fsqrd_R_factor                   ? 
_refine.pdbx_pd_ls_matrix_band_width             ? 
_refine.pdbx_overall_phase_error                 ? 
_refine.pdbx_overall_SU_R_free_Cruickshank_DPI   ? 
_refine.pdbx_overall_SU_R_free_Blow_DPI          ? 
_refine.pdbx_overall_SU_R_Blow_DPI               ? 
_refine.pdbx_TLS_residual_ADP_flag               ? 
_refine.pdbx_diffrn_id                           1 
_refine.overall_SU_B                             ? 
_refine.overall_SU_ML                            ? 
_refine.overall_SU_R_Cruickshank_DPI             ? 
_refine.overall_SU_R_free                        ? 
_refine.overall_FOM_free_R_set                   ? 
_refine.overall_FOM_work_R_set                   ? 
_refine.pdbx_average_fsc_overall                 ? 
_refine.pdbx_average_fsc_work                    ? 
_refine.pdbx_average_fsc_free                    ? 
# 
_refine_hist.pdbx_refine_id                   'X-RAY DIFFRACTION' 
_refine_hist.cycle_id                         LAST 
_refine_hist.pdbx_number_atoms_protein        88 
_refine_hist.pdbx_number_atoms_nucleic_acid   0 
_refine_hist.pdbx_number_atoms_ligand         2 
_refine_hist.number_atoms_solvent             0 
_refine_hist.number_atoms_total               90 
_refine_hist.d_res_high                       0.9 
_refine_hist.d_res_low                        17.3 
# 
_struct.entry_id                     6EVH 
_struct.title                        'Lipoaminopeptide helioferin A and B from Mycogone rosea' 
_struct.pdbx_model_details           ? 
_struct.pdbx_formula_weight          ? 
_struct.pdbx_formula_weight_method   ? 
_struct.pdbx_model_type_details      ? 
_struct.pdbx_CASP_flag               N 
# 
_struct_keywords.entry_id        6EVH 
_struct_keywords.text            'Lipoaminopeptide, protonophoric, peptaibol, peptaibiotic, Antibiotic' 
_struct_keywords.pdbx_keywords   ANTIBIOTIC 
# 
loop_
_struct_asym.id 
_struct_asym.pdbx_blank_PDB_chainid_flag 
_struct_asym.pdbx_modified 
_struct_asym.entity_id 
_struct_asym.details 
A N N 1 ? 
B N N 2 ? 
C N N 3 ? 
# 
_struct_conf.conf_type_id            HELX_P 
_struct_conf.id                      HELX_P1 
_struct_conf.pdbx_PDB_helix_id       AA1 
_struct_conf.beg_label_comp_id       PRO 
_struct_conf.beg_label_asym_id       A 
_struct_conf.beg_label_seq_id        2 
_struct_conf.pdbx_beg_PDB_ins_code   ? 
_struct_conf.end_label_comp_id       AIB 
_struct_conf.end_label_asym_id       A 
_struct_conf.end_label_seq_id        9 
_struct_conf.pdbx_end_PDB_ins_code   ? 
_struct_conf.beg_auth_comp_id        PRO 
_struct_conf.beg_auth_asym_id        A 
_struct_conf.beg_auth_seq_id         1 
_struct_conf.end_auth_comp_id        AIB 
_struct_conf.end_auth_asym_id        A 
_struct_conf.end_auth_seq_id         8 
_struct_conf.pdbx_PDB_helix_class    1 
_struct_conf.details                 ? 
_struct_conf.pdbx_PDB_helix_length   8 
# 
_struct_conf_type.id          HELX_P 
_struct_conf_type.criteria    ? 
_struct_conf_type.reference   ? 
# 
loop_
_struct_conn.id 
_struct_conn.conn_type_id 
_struct_conn.pdbx_leaving_atom_flag 
_struct_conn.pdbx_PDB_id 
_struct_conn.ptnr1_label_asym_id 
_struct_conn.ptnr1_label_comp_id 
_struct_conn.ptnr1_label_seq_id 
_struct_conn.ptnr1_label_atom_id 
_struct_conn.pdbx_ptnr1_label_alt_id 
_struct_conn.pdbx_ptnr1_PDB_ins_code 
_struct_conn.pdbx_ptnr1_standard_comp_id 
_struct_conn.ptnr1_symmetry 
_struct_conn.ptnr2_label_asym_id 
_struct_conn.ptnr2_label_comp_id 
_struct_conn.ptnr2_label_seq_id 
_struct_conn.ptnr2_label_atom_id 
_struct_conn.pdbx_ptnr2_label_alt_id 
_struct_conn.pdbx_ptnr2_PDB_ins_code 
_struct_conn.ptnr1_auth_asym_id 
_struct_conn.ptnr1_auth_comp_id 
_struct_conn.ptnr1_auth_seq_id 
_struct_conn.ptnr2_auth_asym_id 
_struct_conn.ptnr2_auth_comp_id 
_struct_conn.ptnr2_auth_seq_id 
_struct_conn.ptnr2_symmetry 
_struct_conn.pdbx_ptnr3_label_atom_id 
_struct_conn.pdbx_ptnr3_label_seq_id 
_struct_conn.pdbx_ptnr3_label_comp_id 
_struct_conn.pdbx_ptnr3_label_asym_id 
_struct_conn.pdbx_ptnr3_label_alt_id 
_struct_conn.pdbx_ptnr3_PDB_ins_code 
_struct_conn.details 
_struct_conn.pdbx_dist_value 
_struct_conn.pdbx_value_order 
_struct_conn.pdbx_role 
covale1 covale both ? A C9T 1 C ? ? ? 1_555 A PRO 2  N ? ? A C9T 0 A PRO 1 1_555 ? ? ? ? ? ? ? 1.327 ? ? 
covale2 covale both ? A PRO 2 C ? ? ? 1_555 A BZK 3  N ? ? A PRO 1 A BZK 2 1_555 ? ? ? ? ? ? ? 1.337 ? ? 
covale3 covale both ? A BZK 3 C ? ? ? 1_555 A ALA 4  N ? ? A BZK 2 A ALA 3 1_555 ? ? ? ? ? ? ? 1.330 ? ? 
covale4 covale both ? A ALA 4 C ? ? ? 1_555 A AIB 5  N ? ? A ALA 3 A AIB 4 1_555 ? ? ? ? ? ? ? 1.328 ? ? 
covale5 covale both ? A AIB 5 C ? ? ? 1_555 A ILE 6  N ? ? A AIB 4 A ILE 5 1_555 ? ? ? ? ? ? ? 1.312 ? ? 
covale6 covale both ? A ILE 7 C ? ? ? 1_555 A AIB 8  N ? ? A ILE 6 A AIB 7 1_555 ? ? ? ? ? ? ? 1.353 ? ? 
covale7 covale both ? A AIB 8 C ? ? ? 1_555 A AIB 9  N ? ? A AIB 7 A AIB 8 1_555 ? ? ? ? ? ? ? 1.325 ? ? 
covale8 covale both ? A AIB 9 C ? ? ? 1_555 A C9K 10 N A ? A AIB 8 A C9K 9 1_555 ? ? ? ? ? ? ? 1.323 ? ? 
covale9 covale both ? A AIB 9 C ? ? ? 1_555 A C9N 10 N B ? A AIB 8 A C9N 9 1_555 ? ? ? ? ? ? ? 1.323 ? ? 
# 
_struct_conn_type.id          covale 
_struct_conn_type.criteria    ? 
_struct_conn_type.reference   ? 
# 
loop_
_struct_site.id 
_struct_site.pdbx_evidence_code 
_struct_site.pdbx_auth_asym_id 
_struct_site.pdbx_auth_comp_id 
_struct_site.pdbx_auth_seq_id 
_struct_site.pdbx_auth_ins_code 
_struct_site.pdbx_num_residues 
_struct_site.details 
AC1 Software A CL  101 ? 8  'binding site for residue CL A 101'             
AC2 Software A F   102 ? 6  'binding site for residue F A 102'              
AC3 Software A AIB 7   ? 11 'binding site for residues AIB A 7 and AIB A 8' 
AC4 Software A AIB 8   ? 15 'binding site for residues AIB A 8 and C9N A 9' 
AC5 Software A AIB 8   ? 15 'binding site for residues AIB A 8 and C9K A 9' 
# 
loop_
_struct_site_gen.id 
_struct_site_gen.site_id 
_struct_site_gen.pdbx_num_res 
_struct_site_gen.label_comp_id 
_struct_site_gen.label_asym_id 
_struct_site_gen.label_seq_id 
_struct_site_gen.pdbx_auth_ins_code 
_struct_site_gen.auth_comp_id 
_struct_site_gen.auth_asym_id 
_struct_site_gen.auth_seq_id 
_struct_site_gen.label_atom_id 
_struct_site_gen.label_alt_id 
_struct_site_gen.symmetry 
_struct_site_gen.details 
1  AC1 8  C9T A 1  ? C9T A 0   . ? 3_545 ? 
2  AC1 8  PRO A 2  ? PRO A 1   . ? 3_545 ? 
3  AC1 8  BZK A 3  ? BZK A 2   . ? 3_545 ? 
4  AC1 8  ALA A 4  ? ALA A 3   . ? 3_545 ? 
5  AC1 8  C9N A 10 ? C9N A 9   . ? 2_757 ? 
6  AC1 8  C9N A 10 ? C9N A 9   . ? 1_555 ? 
7  AC1 8  C9K A 10 ? C9K A 9   . ? 1_555 ? 
8  AC1 8  C9K A 10 ? C9K A 9   . ? 2_757 ? 
9  AC2 6  C9T A 1  ? C9T A 0   . ? 3_545 ? 
10 AC2 6  PRO A 2  ? PRO A 1   . ? 3_545 ? 
11 AC2 6  BZK A 3  ? BZK A 2   . ? 3_545 ? 
12 AC2 6  C9N A 10 ? C9N A 9   . ? 1_555 ? 
13 AC2 6  C9N A 10 ? C9N A 9   . ? 2_757 ? 
14 AC2 6  C9K A 10 ? C9K A 9   . ? 1_555 ? 
15 AC3 11 PRO A 2  ? PRO A 1   . ? 4_646 ? 
16 AC3 11 PRO A 2  ? PRO A 1   . ? 3_545 ? 
17 AC3 11 BZK A 3  ? BZK A 2   . ? 4_637 ? 
18 AC3 11 ALA A 4  ? ALA A 3   . ? 1_555 ? 
19 AC3 11 AIB A 5  ? AIB A 4   . ? 1_555 ? 
20 AC3 11 ILE A 6  ? ILE A 5   . ? 1_545 ? 
21 AC3 11 ILE A 6  ? ILE A 5   . ? 1_555 ? 
22 AC3 11 ILE A 7  ? ILE A 6   . ? 4_647 ? 
23 AC3 11 ILE A 7  ? ILE A 6   . ? 1_555 ? 
24 AC3 11 C9N A 10 ? C9N A 9   . ? 1_555 ? 
25 AC3 11 C9K A 10 ? C9K A 9   . ? 1_555 ? 
26 AC4 15 PRO A 2  ? PRO A 1   . ? 4_646 ? 
27 AC4 15 PRO A 2  ? PRO A 1   . ? 3_545 ? 
28 AC4 15 BZK A 3  ? BZK A 2   . ? 3_545 ? 
29 AC4 15 BZK A 3  ? BZK A 2   . ? 4_647 ? 
30 AC4 15 BZK A 3  ? BZK A 2   . ? 4_637 ? 
31 AC4 15 ALA A 4  ? ALA A 3   . ? 4_647 ? 
32 AC4 15 AIB A 5  ? AIB A 4   . ? 1_555 ? 
33 AC4 15 ILE A 6  ? ILE A 5   . ? 1_555 ? 
34 AC4 15 ILE A 6  ? ILE A 5   . ? 1_545 ? 
35 AC4 15 ILE A 7  ? ILE A 6   . ? 1_555 ? 
36 AC4 15 AIB A 8  ? AIB A 7   . ? 1_555 ? 
37 AC4 15 CL  B .  ? CL  A 101 . ? 1_555 ? 
38 AC4 15 CL  B .  ? CL  A 101 . ? 2_757 ? 
39 AC4 15 F   C .  ? F   A 102 . ? 2_757 ? 
40 AC4 15 F   C .  ? F   A 102 . ? 1_555 ? 
41 AC5 15 PRO A 2  ? PRO A 1   . ? 4_646 ? 
42 AC5 15 PRO A 2  ? PRO A 1   . ? 3_545 ? 
43 AC5 15 BZK A 3  ? BZK A 2   . ? 3_545 ? 
44 AC5 15 BZK A 3  ? BZK A 2   . ? 4_647 ? 
45 AC5 15 BZK A 3  ? BZK A 2   . ? 4_637 ? 
46 AC5 15 ALA A 4  ? ALA A 3   . ? 4_647 ? 
47 AC5 15 AIB A 5  ? AIB A 4   . ? 1_555 ? 
48 AC5 15 ILE A 6  ? ILE A 5   . ? 1_555 ? 
49 AC5 15 ILE A 6  ? ILE A 5   . ? 1_545 ? 
50 AC5 15 ILE A 7  ? ILE A 6   . ? 1_555 ? 
51 AC5 15 AIB A 8  ? AIB A 7   . ? 1_555 ? 
52 AC5 15 CL  B .  ? CL  A 101 . ? 1_555 ? 
53 AC5 15 CL  B .  ? CL  A 101 . ? 2_757 ? 
54 AC5 15 F   C .  ? F   A 102 . ? 2_757 ? 
55 AC5 15 F   C .  ? F   A 102 . ? 1_555 ? 
# 
_atom_sites.entry_id                    6EVH 
_atom_sites.fract_transf_matrix[1][1]   0.00684727 
_atom_sites.fract_transf_matrix[1][2]   0.01390014 
_atom_sites.fract_transf_matrix[1][3]   0.02433554 
_atom_sites.fract_transf_matrix[2][1]   -0.03273768 
_atom_sites.fract_transf_matrix[2][2]   0.07817042 
_atom_sites.fract_transf_matrix[2][3]   -0.03543854 
_atom_sites.fract_transf_matrix[3][1]   -0.05195475 
_atom_sites.fract_transf_matrix[3][2]   -0.01069186 
_atom_sites.fract_transf_matrix[3][3]   0.02441101 
_atom_sites.fract_transf_vector[1]      0.726148 
_atom_sites.fract_transf_vector[2]      0.506149 
_atom_sites.fract_transf_vector[3]      0.734697 
# 
loop_
_atom_type.symbol 
C  
CL 
F  
H  
N  
O  
# 
loop_
_atom_site.group_PDB 
_atom_site.id 
_atom_site.type_symbol 
_atom_site.label_atom_id 
_atom_site.label_alt_id 
_atom_site.label_comp_id 
_atom_site.label_asym_id 
_atom_site.label_entity_id 
_atom_site.label_seq_id 
_atom_site.pdbx_PDB_ins_code 
_atom_site.Cartn_x 
_atom_site.Cartn_y 
_atom_site.Cartn_z 
_atom_site.occupancy 
_atom_site.B_iso_or_equiv 
_atom_site.pdbx_formal_charge 
_atom_site.auth_seq_id 
_atom_site.auth_comp_id 
_atom_site.auth_asym_id 
_atom_site.auth_atom_id 
_atom_site.pdbx_PDB_model_num 
HETATM 1   C  C1   A C9T A 1 1  ? 1.693   -8.450 -9.669  0.670 6.89  ? 0   C9T A C1   1 
HETATM 2   C  C2   A C9T A 1 1  ? 2.384   -7.317 -9.158  0.670 5.71  ? 0   C9T A C2   1 
HETATM 3   C  C3   A C9T A 1 1  ? 1.416   -6.536 -8.195  0.670 5.32  ? 0   C9T A C3   1 
HETATM 4   C  C3   B C9T A 1 1  ? 0.441   -7.114 -9.228  0.330 5.98  ? 0   C9T A C3   1 
HETATM 5   C  C4   A C9T A 1 1  ? 0.256   -5.864 -8.909  0.670 4.30  ? 0   C9T A C4   1 
HETATM 6   C  C4   B C9T A 1 1  ? 0.701   -6.089 -8.414  0.330 11.47 ? 0   C9T A C4   1 
HETATM 7   C  C5   . C9T A 1 1  ? -0.737  -5.312 -7.927  1.000 6.07  ? 0   C9T A C5   1 
HETATM 8   C  C6   . C9T A 1 1  ? -0.266  -4.281 -6.932  1.000 5.54  ? 0   C9T A C6   1 
HETATM 9   C  C7   . C9T A 1 1  ? -1.404  -3.618 -6.148  1.000 4.66  ? 0   C9T A C7   1 
HETATM 10  C  C7B  . C9T A 1 1  ? -2.029  -4.529 -5.120  1.000 6.62  ? 0   C9T A C7B  1 
HETATM 11  C  C    . C9T A 1 1  ? -0.844  -2.343 -5.510  1.000 4.15  ? 0   C9T A C    1 
HETATM 12  O  O    . C9T A 1 1  ? -0.484  -2.342 -4.305  1.000 5.25  ? 0   C9T A O    1 
HETATM 13  H  H11  A C9T A 1 1  ? 2.283   -8.949 -10.272 0.670 10.34 ? 0   C9T A H11  1 
HETATM 14  H  H13  A C9T A 1 1  ? 0.899   -8.154 -10.161 0.670 10.34 ? 0   C9T A H13  1 
HETATM 15  H  H12  A C9T A 1 1  ? 1.421   -9.029 -8.926  0.670 10.34 ? 0   C9T A H12  1 
HETATM 16  H  H21  A C9T A 1 1  ? 2.668   -6.729 -9.902  0.670 8.56  ? 0   C9T A H21  1 
HETATM 17  H  H22  A C9T A 1 1  ? 3.192   -7.606 -8.664  0.670 8.56  ? 0   C9T A H22  1 
HETATM 18  H  H32  A C9T A 1 1  ? 1.936   -5.846 -7.711  0.670 7.99  ? 0   C9T A H32  1 
HETATM 19  H  H32  B C9T A 1 1  ? -0.125  -7.765 -8.763  0.330 8.97  ? 0   C9T A H32  1 
HETATM 20  H  H31  A C9T A 1 1  ? 1.056   -7.167 -7.524  0.670 7.99  ? 0   C9T A H31  1 
HETATM 21  H  H31  B C9T A 1 1  ? 1.282   -7.542 -9.493  0.330 8.97  ? 0   C9T A H31  1 
HETATM 22  H  H41  A C9T A 1 1  ? 0.600   -5.130 -9.477  0.670 6.46  ? 0   C9T A H41  1 
HETATM 23  H  H41  B C9T A 1 1  ? 1.284   -5.438 -8.881  0.330 17.21 ? 0   C9T A H41  1 
HETATM 24  H  H42  A C9T A 1 1  ? -0.193  -6.522 -9.498  0.670 6.46  ? 0   C9T A H42  1 
HETATM 25  H  H42  B C9T A 1 1  ? 1.185   -6.416 -7.616  0.330 17.21 ? 0   C9T A H42  1 
HETATM 26  H  H52  A C9T A 1 1  ? -1.482  -4.913 -8.443  1.000 9.10  ? 0   C9T A H52  1 
HETATM 27  H  H51  A C9T A 1 1  ? -1.112  -6.074 -7.417  1.000 9.10  ? 0   C9T A H51  1 
HETATM 28  H  H61  . C9T A 1 1  ? 0.241   -3.581 -7.413  1.000 8.31  ? 0   C9T A H61  1 
HETATM 29  H  H62  . C9T A 1 1  ? 0.353   -4.715 -6.292  1.000 8.31  ? 0   C9T A H62  1 
HETATM 30  H  H7   . C9T A 1 1  ? -2.115  -3.353 -6.800  1.000 6.99  ? 0   C9T A H7   1 
HETATM 31  H  HB2  . C9T A 1 1  ? -1.354  -4.786 -4.457  1.000 9.93  ? 0   C9T A HB2  1 
HETATM 32  H  HB1  . C9T A 1 1  ? -2.376  -5.333 -5.561  1.000 9.93  ? 0   C9T A HB1  1 
HETATM 33  H  HB3  . C9T A 1 1  ? -2.765  -4.060 -4.671  1.000 9.93  ? 0   C9T A HB3  1 
ATOM   34  N  N    . PRO A 1 2  ? -0.702  -1.257 -6.259  1.000 3.87  ? 1   PRO A N    1 
ATOM   35  C  CA   . PRO A 1 2  ? 0.041   -0.105 -5.778  1.000 3.81  ? 1   PRO A CA   1 
ATOM   36  C  C    . PRO A 1 2  ? -0.634  0.618  -4.602  1.000 3.68  ? 1   PRO A C    1 
ATOM   37  O  O    . PRO A 1 2  ? 0.041   1.203  -3.775  1.000 4.80  ? 1   PRO A O    1 
ATOM   38  C  CB   . PRO A 1 2  ? 0.128   0.818  -7.006  1.000 4.86  ? 1   PRO A CB   1 
ATOM   39  C  CG   . PRO A 1 2  ? -1.090  0.406  -7.841  1.000 5.11  ? 1   PRO A CG   1 
ATOM   40  C  CD   . PRO A 1 2  ? -1.154  -1.071 -7.649  1.000 5.22  ? 1   PRO A CD   1 
ATOM   41  H  HA   . PRO A 1 2  ? 0.961   -0.390 -5.510  1.000 5.71  ? 1   PRO A HA   1 
ATOM   42  H  HB2  . PRO A 1 2  ? 0.073   1.769  -6.741  1.000 7.29  ? 1   PRO A HB2  1 
ATOM   43  H  HB3  . PRO A 1 2  ? 0.969   0.669  -7.505  1.000 7.29  ? 1   PRO A HB3  1 
ATOM   44  H  HG2  . PRO A 1 2  ? -1.914  0.844  -7.510  1.000 7.66  ? 1   PRO A HG2  1 
ATOM   45  H  HG3  . PRO A 1 2  ? -0.962  0.637  -8.796  1.000 7.66  ? 1   PRO A HG3  1 
ATOM   46  H  HD2  . PRO A 1 2  ? -2.078  -1.406 -7.770  1.000 7.83  ? 1   PRO A HD2  1 
ATOM   47  H  HD3  . PRO A 1 2  ? -0.556  -1.538 -8.284  1.000 7.83  ? 1   PRO A HD3  1 
HETATM 48  N  N    . BZK A 1 3  ? -1.970  0.611  -4.608  1.000 3.80  ? 2   BZK A N    1 
HETATM 49  C  CA   . BZK A 1 3  ? -2.670  1.305  -3.530  1.000 3.78  ? 2   BZK A CA   1 
HETATM 50  C  CB   . BZK A 1 3  ? -4.138  1.563  -3.922  1.000 4.33  ? 2   BZK A CB   1 
HETATM 51  C  C    . BZK A 1 3  ? -2.563  0.531  -2.242  1.000 4.07  ? 2   BZK A C    1 
HETATM 52  O  O    . BZK A 1 3  ? -2.301  1.093  -1.157  1.000 5.39  ? 2   BZK A O    1 
HETATM 53  C  CG1  . BZK A 1 3  ? -4.303  2.258  -5.279  1.000 4.64  ? 2   BZK A CG1  1 
HETATM 54  C  CGB  . BZK A 1 3  ? -3.470  3.521  -5.382  1.000 6.61  ? 2   BZK A CGB  1 
HETATM 55  C  CD   . BZK A 1 3  ? -5.770  2.600  -5.595  1.000 4.91  ? 2   BZK A CD   1 
HETATM 56  C  CE   . BZK A 1 3  ? -6.769  1.471  -5.603  1.000 5.21  ? 2   BZK A CE   1 
HETATM 57  O  OE   . BZK A 1 3  ? -6.408  0.449  -6.531  1.000 8.30  ? 2   BZK A OE   1 
HETATM 58  C  CZ   . BZK A 1 3  ? -8.166  1.939  -5.998  1.000 6.01  ? 2   BZK A CZ   1 
HETATM 59  C  CH   . BZK A 1 3  ? -8.877  2.810  -5.024  1.000 5.71  ? 2   BZK A CH   1 
HETATM 60  O  OH   . BZK A 1 3  ? -8.391  3.025  -3.966  1.000 12.32 ? 2   BZK A OH   1 
HETATM 61  C  CI   . BZK A 1 3  ? -10.221 3.258  -5.349  1.000 8.74  ? 2   BZK A CI   1 
HETATM 62  C  CK   . BZK A 1 3  ? -10.942 4.059  -4.260  1.000 9.20  ? 2   BZK A CK   1 
HETATM 63  H  H    . BZK A 1 3  ? -2.468  -0.012 -5.116  1.000 4.56  ? 2   BZK A H    1 
HETATM 64  H  HA   . BZK A 1 3  ? -2.226  2.192  -3.395  1.000 5.67  ? 2   BZK A HA   1 
HETATM 65  H  HB2  . BZK A 1 3  ? -4.562  2.123  -3.224  1.000 6.50  ? 2   BZK A HB2  1 
HETATM 66  H  HB1  . BZK A 1 3  ? -4.619  0.699  -3.947  1.000 6.50  ? 2   BZK A HB1  1 
HETATM 67  H  HG1  . BZK A 1 3  ? -3.983  1.626  -5.983  1.000 6.97  ? 2   BZK A HG1  1 
HETATM 68  H  H4   . BZK A 1 3  ? -3.606  3.930  -6.262  1.000 9.91  ? 2   BZK A H4   1 
HETATM 69  H  HGB  . BZK A 1 3  ? -2.523  3.297  -5.269  1.000 9.91  ? 2   BZK A HGB  1 
HETATM 70  H  H5   . BZK A 1 3  ? -3.743  4.150  -4.683  1.000 9.91  ? 2   BZK A H5   1 
HETATM 71  H  HD2  . BZK A 1 3  ? -5.796  3.035  -6.483  1.000 7.36  ? 2   BZK A HD2  1 
HETATM 72  H  HD1  . BZK A 1 3  ? -6.075  3.270  -4.932  1.000 7.36  ? 2   BZK A HD1  1 
HETATM 73  H  HE   . BZK A 1 3  ? -6.810  1.072  -4.687  1.000 7.82  ? 2   BZK A HE   1 
HETATM 74  H  HOE  . BZK A 1 3  ? -5.576  0.459  -6.649  1.000 9.96  ? 2   BZK A HOE  1 
HETATM 75  H  HZ2  . BZK A 1 3  ? -8.725  1.137  -6.158  1.000 9.02  ? 2   BZK A HZ2  1 
HETATM 76  H  HZ1  . BZK A 1 3  ? -8.097  2.427  -6.855  1.000 9.02  ? 2   BZK A HZ1  1 
HETATM 77  H  HI1  . BZK A 1 3  ? -10.771 2.463  -5.566  1.000 13.11 ? 2   BZK A HI1  1 
HETATM 78  H  HI2  . BZK A 1 3  ? -10.173 3.816  -6.166  1.000 13.11 ? 2   BZK A HI2  1 
HETATM 79  H  HK2  . BZK A 1 3  ? -11.025 3.511  -3.453  1.000 13.80 ? 2   BZK A HK2  1 
HETATM 80  H  HK1  . BZK A 1 3  ? -11.834 4.312  -4.577  1.000 13.80 ? 2   BZK A HK1  1 
HETATM 81  H  HK3  . BZK A 1 3  ? -10.427 4.867  -4.054  1.000 13.80 ? 2   BZK A HK3  1 
ATOM   82  N  N    . ALA A 1 4  ? -2.694  -0.792 -2.294  1.000 4.05  ? 3   ALA A N    1 
ATOM   83  C  CA   . ALA A 1 4  ? -2.485  -1.631 -1.151  1.000 4.24  ? 3   ALA A CA   1 
ATOM   84  C  C    . ALA A 1 4  ? -1.040  -1.525 -0.628  1.000 3.98  ? 3   ALA A C    1 
ATOM   85  O  O    . ALA A 1 4  ? -0.839  -1.543 0.590   1.000 4.77  ? 3   ALA A O    1 
ATOM   86  C  CB   . ALA A 1 4  ? -2.851  -3.063 -1.459  1.000 5.08  ? 3   ALA A CB   1 
ATOM   87  H  H    . ALA A 1 4  ? -2.847  -1.260 -2.800  1.000 4.85  ? 3   ALA A H    1 
ATOM   88  H  HA   . ALA A 1 4  ? -3.095  -1.312 -0.425  1.000 6.35  ? 3   ALA A HA   1 
ATOM   89  H  HB1  . ALA A 1 4  ? -2.701  -3.617 -0.665  1.000 7.63  ? 3   ALA A HB1  1 
ATOM   90  H  HB2  . ALA A 1 4  ? -3.795  -3.111 -1.717  1.000 7.63  ? 3   ALA A HB2  1 
ATOM   91  H  HB3  . ALA A 1 4  ? -2.295  -3.391 -2.196  1.000 7.63  ? 3   ALA A HB3  1 
HETATM 92  N  N    . AIB A 1 5  ? -0.060  -1.456 -1.522  1.000 3.95  ? 4   AIB A N    1 
HETATM 93  C  CA   . AIB A 1 5  ? 1.352   -1.353 -1.155  1.000 3.70  ? 4   AIB A CA   1 
HETATM 94  C  C    . AIB A 1 5  ? 1.502   -0.157 -0.164  1.000 3.20  ? 4   AIB A C    1 
HETATM 95  O  O    . AIB A 1 5  ? 2.158   -0.286 0.877   1.000 3.93  ? 4   AIB A O    1 
HETATM 96  C  CB1  . AIB A 1 5  ? 2.154   -1.013 -2.409  1.000 4.03  ? 4   AIB A CB1  1 
HETATM 97  C  CB2  . AIB A 1 5  ? 1.861   -2.627 -0.532  1.000 4.79  ? 4   AIB A CB2  1 
HETATM 98  H  H    . AIB A 1 5  ? -0.242  -1.556 -2.278  1.000 4.74  ? 4   AIB A H    1 
HETATM 99  H  HB11 . AIB A 1 5  ? 3.104   -0.941 -2.179  1.000 6.04  ? 4   AIB A HB11 1 
HETATM 100 H  HB12 . AIB A 1 5  ? 2.032   -1.719 -3.077  1.000 6.04  ? 4   AIB A HB12 1 
HETATM 101 H  HB13 . AIB A 1 5  ? 1.841   -0.159 -2.775  1.000 6.04  ? 4   AIB A HB13 1 
HETATM 102 H  HB21 . AIB A 1 5  ? 2.808   -2.521 -0.299  1.000 7.18  ? 4   AIB A HB21 1 
HETATM 103 H  HB22 . AIB A 1 5  ? 1.346   -2.822 0.279   1.000 7.18  ? 4   AIB A HB22 1 
HETATM 104 H  HB23 . AIB A 1 5  ? 1.762   -3.365 -1.168  1.000 7.18  ? 4   AIB A HB23 1 
ATOM   105 N  N    . ILE A 1 6  ? 0.959   0.976  -0.539  1.000 3.14  ? 5   ILE A N    1 
ATOM   106 C  CA   . ILE A 1 6  ? 1.116   2.186  0.264   1.000 3.56  ? 5   ILE A CA   1 
ATOM   107 C  C    . ILE A 1 6  ? 0.458   1.992  1.644   1.000 3.43  ? 5   ILE A C    1 
ATOM   108 O  O    . ILE A 1 6  ? 1.026   2.379  2.674   1.000 4.38  ? 5   ILE A O    1 
ATOM   109 C  CB   . ILE A 1 6  ? 0.536   3.382  -0.483  1.000 3.73  ? 5   ILE A CB   1 
ATOM   110 C  CG1  . ILE A 1 6  ? 1.370   3.695  -1.740  1.000 4.40  ? 5   ILE A CG1  1 
ATOM   111 C  CG2  . ILE A 1 6  ? 0.462   4.619  0.435   1.000 5.15  ? 5   ILE A CG2  1 
ATOM   112 C  CD1  . ILE A 1 6  ? 0.751   4.718  -2.648  1.000 7.13  ? 5   ILE A CD1  1 
ATOM   113 H  H    . ILE A 1 6  ? 0.494   1.212  -1.271  1.000 3.77  ? 5   ILE A H    1 
ATOM   114 H  HA   . ILE A 1 6  ? 2.094   2.347  0.401   1.000 5.33  ? 5   ILE A HA   1 
ATOM   115 H  HB   . ILE A 1 6  ? -0.392  3.151  -0.773  1.000 5.59  ? 5   ILE A HB   1 
ATOM   116 H  HG12 . ILE A 1 6  ? 2.263   4.019  -1.457  1.000 6.59  ? 5   ILE A HG12 1 
ATOM   117 H  HG13 . ILE A 1 6  ? 1.503   2.856  -2.250  1.000 6.59  ? 5   ILE A HG13 1 
ATOM   118 H  HG21 . ILE A 1 6  ? 0.086   5.374  -0.064  1.000 7.73  ? 5   ILE A HG21 1 
ATOM   119 H  HG22 . ILE A 1 6  ? -0.111  4.420  1.205   1.000 7.73  ? 5   ILE A HG22 1 
ATOM   120 H  HG23 . ILE A 1 6  ? 1.361   4.848  0.748   1.000 7.73  ? 5   ILE A HG23 1 
ATOM   121 H  HD11 . ILE A 1 6  ? 1.334   4.865  -3.421  1.000 10.70 ? 5   ILE A HD11 1 
ATOM   122 H  HD12 . ILE A 1 6  ? -0.123  4.397  -2.954  1.000 10.70 ? 5   ILE A HD12 1 
ATOM   123 H  HD13 . ILE A 1 6  ? 0.636   5.561  -2.160  1.000 10.70 ? 5   ILE A HD13 1 
ATOM   124 N  N    . ILE A 1 7  ? -0.755  1.459  1.664   1.000 3.48  ? 6   ILE A N    1 
ATOM   125 C  CA   . ILE A 1 7  ? -1.464  1.287  2.912   1.000 4.05  ? 6   ILE A CA   1 
ATOM   126 C  C    . ILE A 1 7  ? -0.757  0.359  3.828   1.000 4.36  ? 6   ILE A C    1 
ATOM   127 O  O    . ILE A 1 7  ? -0.547  0.634  5.019   1.000 5.57  ? 6   ILE A O    1 
ATOM   128 C  CB   . ILE A 1 7  ? -2.942  0.846  2.624   1.000 5.14  ? 6   ILE A CB   1 
ATOM   129 C  CG1  A ILE A 1 7  ? -3.721  1.790  1.746   0.600 5.41  ? 6   ILE A CG1  1 
ATOM   130 C  CG1  B ILE A 1 7  ? -3.911  2.055  2.465   0.200 4.93  ? 6   ILE A CG1  1 
ATOM   131 C  CG1  C ILE A 1 7  ? -3.360  2.259  2.117   0.200 6.14  ? 6   ILE A CG1  1 
ATOM   132 C  CG2  . ILE A 1 7  ? -3.609  0.421  3.903   1.000 7.14  ? 6   ILE A CG2  1 
ATOM   133 C  CD1  A ILE A 1 7  ? -3.697  3.207  2.252   0.600 7.82  ? 6   ILE A CD1  1 
ATOM   134 C  CD1  B ILE A 1 7  ? -3.499  3.018  1.345   0.200 5.86  ? 6   ILE A CD1  1 
ATOM   135 C  CD1  C ILE A 1 7  ? -4.674  2.540  1.362   0.200 6.38  ? 6   ILE A CD1  1 
ATOM   136 H  H    . ILE A 1 7  ? -1.130  1.353  1.065   1.000 4.17  ? 6   ILE A H    1 
ATOM   137 H  HA   . ILE A 1 7  ? -1.501  2.180  3.361   1.000 6.07  ? 6   ILE A HA   1 
ATOM   138 H  HB   . ILE A 1 7  ? -2.858  0.006  2.087   1.000 7.71  ? 6   ILE A HB   1 
ATOM   139 H  HG12 A ILE A 1 7  ? -3.343  1.768  0.832   0.600 8.12  ? 6   ILE A HG12 1 
ATOM   140 H  HG12 B ILE A 1 7  ? -4.822  1.715  2.278   0.200 7.40  ? 6   ILE A HG12 1 
ATOM   141 H  HG12 C ILE A 1 7  ? -3.360  2.852  2.909   0.200 7.37  ? 6   ILE A HG12 1 
ATOM   142 H  HG13 A ILE A 1 7  ? -4.660  1.482  1.693   0.600 8.12  ? 6   ILE A HG13 1 
ATOM   143 H  HG13 B ILE A 1 7  ? -3.945  2.555  3.320   0.200 7.40  ? 6   ILE A HG13 1 
ATOM   144 H  HG13 C ILE A 1 7  ? -2.627  2.574  1.530   0.200 7.37  ? 6   ILE A HG13 1 
ATOM   145 H  HG21 . ILE A 1 7  ? -3.019  -0.188 4.393   1.000 10.70 ? 6   ILE A HG21 1 
ATOM   146 H  HG22 . ILE A 1 7  ? -3.793  1.211  4.453   1.000 10.70 ? 6   ILE A HG22 1 
ATOM   147 H  HG23 . ILE A 1 7  ? -4.450  -0.037 3.696   1.000 10.70 ? 6   ILE A HG23 1 
ATOM   148 H  HD11 A ILE A 1 7  ? -4.216  3.779  1.649   0.600 11.74 ? 6   ILE A HD11 1 
ATOM   149 H  HD11 B ILE A 1 7  ? -4.144  3.754  1.294   0.200 8.79  ? 6   ILE A HD11 1 
ATOM   150 H  HD11 C ILE A 1 7  ? -4.725  3.494  1.141   0.200 9.58  ? 6   ILE A HD11 1 
ATOM   151 H  HD12 A ILE A 1 7  ? -4.089  3.240  3.150   0.600 11.74 ? 6   ILE A HD12 1 
ATOM   152 H  HD12 B ILE A 1 7  ? -2.608  3.376  1.535   0.200 8.79  ? 6   ILE A HD12 1 
ATOM   153 H  HD12 C ILE A 1 7  ? -4.694  2.013  0.536   0.200 9.58  ? 6   ILE A HD12 1 
ATOM   154 H  HD13 A ILE A 1 7  ? -2.771  3.526  2.288   0.600 11.74 ? 6   ILE A HD13 1 
ATOM   155 H  HD13 B ILE A 1 7  ? -3.485  2.537  0.491   0.200 8.79  ? 6   ILE A HD13 1 
ATOM   156 H  HD13 C ILE A 1 7  ? -5.435  2.293  1.927   0.200 9.58  ? 6   ILE A HD13 1 
HETATM 157 N  N    . AIB A 1 8  ? -0.327  -0.827 3.340   1.000 4.56  ? 7   AIB A N    1 
HETATM 158 C  CA   . AIB A 1 8  ? 0.381   -1.791 4.159   1.000 5.26  ? 7   AIB A CA   1 
HETATM 159 C  C    . AIB A 1 8  ? 1.654   -1.134 4.753   1.000 4.51  ? 7   AIB A C    1 
HETATM 160 O  O    . AIB A 1 8  ? 1.910   -1.209 5.950   1.000 5.94  ? 7   AIB A O    1 
HETATM 161 C  CB1  A AIB A 1 8  ? 0.905   -2.943 3.378   0.500 8.16  ? 7   AIB A CB1  1 
HETATM 162 C  CB1  B AIB A 1 8  ? 0.872   -2.902 3.085   0.500 6.02  ? 7   AIB A CB1  1 
HETATM 163 C  CB2  A AIB A 1 8  ? -0.565  -2.209 5.448   0.500 5.99  ? 7   AIB A CB2  1 
HETATM 164 C  CB2  B AIB A 1 8  ? -0.404  -2.543 5.025   0.500 5.39  ? 7   AIB A CB2  1 
HETATM 165 H  H    . AIB A 1 8  ? -0.482  -1.021 2.496   1.000 5.47  ? 7   AIB A H    1 
HETATM 166 H  HB11 A AIB A 1 8  ? 1.373   -3.559 3.979   0.500 12.23 ? 7   AIB A HB11 1 
HETATM 167 H  HB11 B AIB A 1 8  ? 1.444   -2.475 2.412   0.500 9.02  ? 7   AIB A HB11 1 
HETATM 168 H  HB12 A AIB A 1 8  ? 0.161   -3.410 2.945   0.500 12.23 ? 7   AIB A HB12 1 
HETATM 169 H  HB12 B AIB A 1 8  ? 1.378   -3.603 3.547   0.500 9.02  ? 7   AIB A HB12 1 
HETATM 170 H  HB13 A AIB A 1 8  ? 1.528   -2.617 2.694   0.500 12.23 ? 7   AIB A HB13 1 
HETATM 171 H  HB13 B AIB A 1 8  ? 0.091   -3.299 2.645   0.500 9.02  ? 7   AIB A HB13 1 
HETATM 172 H  HB21 A AIB A 1 8  ? -0.090  -2.860 6.005   0.500 8.98  ? 7   AIB A HB21 1 
HETATM 173 H  HB21 B AIB A 1 8  ? 0.166   -3.161 5.530   0.500 8.08  ? 7   AIB A HB21 1 
HETATM 174 H  HB22 A AIB A 1 8  ? -0.766  -1.410 5.978   0.500 8.98  ? 7   AIB A HB22 1 
HETATM 175 H  HB22 B AIB A 1 8  ? -0.871  -1.946 5.646   0.500 8.08  ? 7   AIB A HB22 1 
HETATM 176 H  HB23 A AIB A 1 8  ? -1.401  -2.604 5.125   0.500 8.98  ? 7   AIB A HB23 1 
HETATM 177 H  HB23 B AIB A 1 8  ? -1.061  -3.055 4.508   0.500 8.08  ? 7   AIB A HB23 1 
HETATM 178 N  N    . AIB A 1 9  ? 2.425   -0.474 3.901   1.000 3.89  ? 8   AIB A N    1 
HETATM 179 C  CA   . AIB A 1 9  ? 3.729   0.101  4.279   1.000 4.05  ? 8   AIB A CA   1 
HETATM 180 C  C    . AIB A 1 9  ? 3.549   1.060  5.469   1.000 4.03  ? 8   AIB A C    1 
HETATM 181 O  O    . AIB A 1 9  ? 4.397   1.126  6.351   1.000 5.29  ? 8   AIB A O    1 
HETATM 182 C  CB1  . AIB A 1 9  ? 4.221   0.933  3.078   1.000 4.87  ? 8   AIB A CB1  1 
HETATM 183 C  CB2  . AIB A 1 9  ? 4.691   -0.988 4.644   1.000 5.54  ? 8   AIB A CB2  1 
HETATM 184 H  H    . AIB A 1 9  ? 2.265   -0.309 3.135   1.000 4.67  ? 8   AIB A H    1 
HETATM 185 H  HB11 . AIB A 1 9  ? 5.089   1.333  3.291   1.000 7.30  ? 8   AIB A HB11 1 
HETATM 186 H  HB12 . AIB A 1 9  ? 4.313   0.352  2.295   1.000 7.30  ? 8   AIB A HB12 1 
HETATM 187 H  HB13 . AIB A 1 9  ? 3.573   1.642  2.885   1.000 7.30  ? 8   AIB A HB13 1 
HETATM 188 H  HB21 . AIB A 1 9  ? 5.552   -0.593 4.894   1.000 8.31  ? 8   AIB A HB21 1 
HETATM 189 H  HB22 . AIB A 1 9  ? 4.334   -1.498 5.401   1.000 8.31  ? 8   AIB A HB22 1 
HETATM 190 H  HB23 . AIB A 1 9  ? 4.815   -1.585 3.877   1.000 8.31  ? 8   AIB A HB23 1 
HETATM 191 C  C1   A C9K A 1 10 ? 2.145   2.753  6.531   0.500 7.95  ? 9   C9K A C1   1 
HETATM 192 C  C2   A C9K A 1 10 ? 0.868   2.228  7.219   0.500 9.27  ? 9   C9K A C2   1 
HETATM 193 C  C3   A C9K A 1 10 ? -0.273  0.403  8.195   0.500 12.48 ? 9   C9K A C3   1 
HETATM 194 N  N2   A C9K A 1 10 ? 0.948   0.848  7.604   0.500 12.51 ? 9   C9K A N2   1 
HETATM 195 N  N    A C9K A 1 10 ? 2.469   1.823  5.434   0.500 5.37  ? 9   C9K A N    1 
HETATM 196 C  C1B  A C9K A 1 10 ? 1.954   4.141  6.034   0.500 11.92 ? 9   C9K A C1B  1 
HETATM 197 C  C4   A C9K A 1 10 ? 0.211   -0.667 9.149   0.500 8.61  ? 9   C9K A C4   1 
HETATM 198 O  O    A C9K A 1 10 ? 0.840   -0.574 10.122  0.500 21.21 ? 9   C9K A O    1 
HETATM 199 H  H1   A C9K A 1 10 ? 2.894   2.748  7.193   0.500 11.92 ? 9   C9K A H1   1 
HETATM 200 H  H22  A C9K A 1 10 ? 0.102   2.344  6.602   0.500 13.90 ? 9   C9K A H22  1 
HETATM 201 H  H21  A C9K A 1 10 ? 0.691   2.775  8.024   0.500 13.90 ? 9   C9K A H21  1 
HETATM 202 H  H31  A C9K A 1 10 ? -0.887  0.029  7.514   0.500 18.72 ? 9   C9K A H31  1 
HETATM 203 H  H32  A C9K A 1 10 ? -0.729  1.137  8.677   0.500 18.72 ? 9   C9K A H32  1 
HETATM 204 H  H4   A C9K A 1 10 ? 1.909   1.879  4.674   0.500 6.44  ? 9   C9K A H4   1 
HETATM 205 H  HB3  A C9K A 1 10 ? 1.218   4.158  5.387   0.500 17.88 ? 9   C9K A HB3  1 
HETATM 206 H  HB2  A C9K A 1 10 ? 2.777   4.449  5.600   0.500 17.88 ? 9   C9K A HB2  1 
HETATM 207 H  HB1  A C9K A 1 10 ? 1.741   4.731  6.786   0.500 17.88 ? 9   C9K A HB1  1 
HETATM 208 H  H41  A C9K A 1 10 ? -0.609  -1.149 9.424   0.500 12.91 ? 9   C9K A H41  1 
HETATM 209 H  H42  A C9K A 1 10 ? 0.717   -1.301 8.581   0.500 12.91 ? 9   C9K A H42  1 
HETATM 210 H  H    A C9K A 1 10 ? 1.519   -0.104 9.972   0.500 25.45 ? 9   C9K A H    1 
HETATM 211 C  C1   B C9N A 1 10 ? 2.145   2.753  6.531   0.500 7.95  ? 9   C9N A C1   1 
HETATM 212 C  C2   B C9N A 1 10 ? 0.868   2.228  7.219   0.500 9.27  ? 9   C9N A C2   1 
HETATM 213 C  C3   B C9N A 1 10 ? -0.321  0.607  8.268   0.500 17.59 ? 9   C9N A C3   1 
HETATM 214 C  C4   B C9N A 1 10 ? -0.652  -0.891 8.445   0.500 13.60 ? 9   C9N A C4   1 
HETATM 215 N  N2   B C9N A 1 10 ? 1.006   0.895  7.788   0.500 10.33 ? 9   C9N A N2   1 
HETATM 216 N  N    B C9N A 1 10 ? 2.469   1.823  5.434   0.500 5.37  ? 9   C9N A N    1 
HETATM 217 C  C1B  B C9N A 1 10 ? 1.954   4.141  6.034   0.500 11.92 ? 9   C9N A C1B  1 
HETATM 218 C  CN   B C9N A 1 10 ? 1.844   0.283  8.564   0.500 9.62  ? 9   C9N A CN   1 
HETATM 219 O  O    B C9N A 1 10 ? -0.422  -1.420 9.869   0.500 14.42 ? 9   C9N A O    1 
HETATM 220 H  H1   B C9N A 1 10 ? 2.894   2.748  7.193   0.500 11.92 ? 9   C9N A H1   1 
HETATM 221 H  H31  B C9N A 1 10 ? -0.974  0.999  7.636   0.500 26.39 ? 9   C9N A H31  1 
HETATM 222 H  H32  B C9N A 1 10 ? -0.442  1.059  9.141   0.500 26.39 ? 9   C9N A H32  1 
HETATM 223 H  H5   B C9N A 1 10 ? 1.909   1.879  4.674   0.500 6.44  ? 9   C9N A H5   1 
HETATM 224 H  HB3  B C9N A 1 10 ? 1.218   4.158  5.387   0.500 17.88 ? 9   C9N A HB3  1 
HETATM 225 H  HB2  B C9N A 1 10 ? 2.777   4.449  5.600   0.500 17.88 ? 9   C9N A HB2  1 
HETATM 226 H  HB1  B C9N A 1 10 ? 1.741   4.731  6.786   0.500 17.88 ? 9   C9N A HB1  1 
HETATM 227 H  HN2  B C9N A 1 10 ? 1.734   0.607  9.482   0.500 14.43 ? 9   C9N A HN2  1 
HETATM 228 H  HN1  B C9N A 1 10 ? 2.759   0.460  8.261   0.500 14.43 ? 9   C9N A HN1  1 
HETATM 229 H  HN3  B C9N A 1 10 ? 1.671   -0.681 8.535   0.500 14.43 ? 9   C9N A HN3  1 
HETATM 230 H  H    B C9N A 1 10 ? -1.150  -1.415 10.290  0.500 17.30 ? 9   C9N A H    1 
HETATM 231 H  H42  B C9N A 1 10 ? -0.095  -1.416 7.817   0.500 20.40 ? 9   C9N A H42  1 
HETATM 232 H  H4   B C9N A 1 10 ? -1.600  -1.037 8.200   0.500 20.40 ? 9   C9N A H4   1 
HETATM 233 CL CL   B CL  B 2 .  ? 2.787   2.310  11.172  0.333 3.40  ? 101 CL  A CL   1 
HETATM 234 F  F    A F   C 3 .  ? 2.636   2.402  10.432  0.667 1.53  ? 102 F   A F    1 
# 
loop_
_atom_site_anisotrop.id 
_atom_site_anisotrop.type_symbol 
_atom_site_anisotrop.pdbx_label_atom_id 
_atom_site_anisotrop.pdbx_label_alt_id 
_atom_site_anisotrop.pdbx_label_comp_id 
_atom_site_anisotrop.pdbx_label_asym_id 
_atom_site_anisotrop.pdbx_label_seq_id 
_atom_site_anisotrop.pdbx_PDB_ins_code 
_atom_site_anisotrop.U[1][1] 
_atom_site_anisotrop.U[2][2] 
_atom_site_anisotrop.U[3][3] 
_atom_site_anisotrop.U[1][2] 
_atom_site_anisotrop.U[1][3] 
_atom_site_anisotrop.U[2][3] 
_atom_site_anisotrop.pdbx_auth_seq_id 
_atom_site_anisotrop.pdbx_auth_comp_id 
_atom_site_anisotrop.pdbx_auth_asym_id 
_atom_site_anisotrop.pdbx_auth_atom_id 
1   C  C1  A C9T A 1  ? 0.0495 0.1110 0.0950 0.0291  0.0297  0.0549  0   C9T A C1  
2   C  C2  A C9T A 1  ? 0.0851 0.0488 0.0775 0.0364  0.0229  0.0111  0   C9T A C2  
3   C  C3  A C9T A 1  ? 0.0738 0.0630 0.0605 0.0083  -0.0071 -0.0027 0   C9T A C3  
4   C  C3  B C9T A 1  ? 0.0692 0.0608 0.0915 0.0247  0.0093  -0.0101 0   C9T A C3  
5   C  C4  A C9T A 1  ? 0.0667 0.0386 0.0542 0.0359  0.0020  0.0062  0   C9T A C4  
6   C  C4  B C9T A 1  ? 0.1313 0.0882 0.2058 0.0838  -0.1181 -0.0190 0   C9T A C4  
7   C  C5  . C9T A 1  ? 0.0730 0.0749 0.0768 0.0139  0.0038  -0.0259 0   C9T A C5  
8   C  C6  . C9T A 1  ? 0.0580 0.0726 0.0746 0.0172  -0.0025 -0.0267 0   C9T A C6  
9   C  C7  . C9T A 1  ? 0.0556 0.0641 0.0530 0.0022  0.0049  -0.0216 0   C9T A C7  
10  C  C7B . C9T A 1  ? 0.1125 0.0631 0.0698 -0.0100 0.0058  -0.0234 0   C9T A C7B 
11  C  C   . C9T A 1  ? 0.0432 0.0626 0.0481 0.0075  0.0009  -0.0220 0   C9T A C   
12  O  O   . C9T A 1  ? 0.0849 0.0633 0.0463 0.0078  -0.0102 -0.0166 0   C9T A O   
34  N  N   . PRO A 2  ? 0.0412 0.0683 0.0340 -0.0042 0.0031  -0.0133 1   PRO A N   
35  C  CA  . PRO A 2  ? 0.0334 0.0691 0.0385 -0.0055 0.0035  -0.0070 1   PRO A CA  
36  C  C   . PRO A 2  ? 0.0414 0.0604 0.0347 0.0041  0.0014  -0.0041 1   PRO A C   
37  O  O   . PRO A 2  ? 0.0486 0.0795 0.0498 0.0047  -0.0061 -0.0245 1   PRO A O   
38  C  CB  . PRO A 2  ? 0.0449 0.0880 0.0473 -0.0063 0.0139  -0.0181 1   PRO A CB  
39  C  CG  . PRO A 2  ? 0.0615 0.0854 0.0424 -0.0086 0.0067  0.0018  1   PRO A CG  
40  C  CD  . PRO A 2  ? 0.0525 0.1011 0.0397 -0.0102 -0.0053 -0.0111 1   PRO A CD  
48  N  N   . BZK A 3  ? 0.0437 0.0594 0.0377 -0.0005 0.0092  -0.0097 2   BZK A N   
49  C  CA  . BZK A 3  ? 0.0490 0.0519 0.0390 0.0046  0.0111  -0.0024 2   BZK A CA  
50  C  CB  . BZK A 3  ? 0.0576 0.0554 0.0475 0.0084  0.0201  -0.0062 2   BZK A CB  
51  C  C   . BZK A 3  ? 0.0494 0.0575 0.0438 0.0055  0.0106  -0.0099 2   BZK A C   
52  O  O   . BZK A 3  ? 0.0921 0.0651 0.0426 0.0085  0.0094  -0.0113 2   BZK A O   
53  C  CG1 . BZK A 3  ? 0.0534 0.0587 0.0602 -0.0016 0.0144  0.0030  2   BZK A CG1 
54  C  CGB . BZK A 3  ? 0.0778 0.0737 0.0934 -0.0140 -0.0031 0.0178  2   BZK A CGB 
55  C  CD  . BZK A 3  ? 0.0649 0.0611 0.0559 0.0039  0.0109  0.0046  2   BZK A CD  
56  C  CE  . BZK A 3  ? 0.0682 0.0691 0.0559 -0.0031 0.0021  -0.0242 2   BZK A CE  
57  O  OE  . BZK A 3  ? 0.0931 0.1150 0.0995 -0.0008 0.0079  -0.0647 2   BZK A OE  
58  C  CZ  . BZK A 3  ? 0.0632 0.1027 0.0568 -0.0069 -0.0015 -0.0204 2   BZK A CZ  
59  C  CH  . BZK A 3  ? 0.0602 0.0940 0.0574 -0.0081 -0.0065 -0.0183 2   BZK A CH  
60  O  OH  . BZK A 3  ? 0.1206 0.2221 0.1140 0.0138  0.0110  -0.0572 2   BZK A OH  
61  C  CI  . BZK A 3  ? 0.0819 0.1325 0.1096 0.0185  -0.0206 -0.0258 2   BZK A CI  
62  C  CK  . BZK A 3  ? 0.0787 0.1289 0.1334 0.0263  -0.0019 -0.0390 2   BZK A CK  
82  N  N   . ALA A 4  ? 0.0522 0.0533 0.0444 -0.0012 0.0047  -0.0078 3   ALA A N   
83  C  CA  . ALA A 4  ? 0.0542 0.0588 0.0441 -0.0056 0.0079  0.0030  3   ALA A CA  
84  C  C   . ALA A 4  ? 0.0568 0.0473 0.0435 -0.0068 0.0048  -0.0031 3   ALA A C   
85  O  O   . ALA A 4  ? 0.0673 0.0700 0.0394 -0.0150 0.0016  0.0027  3   ALA A O   
86  C  CB  . ALA A 4  ? 0.0594 0.0586 0.0703 -0.0101 0.0003  -0.0014 3   ALA A CB  
92  N  N   . AIB A 5  ? 0.0568 0.0553 0.0343 -0.0073 0.0003  -0.0058 4   AIB A N   
93  C  CA  . AIB A 5  ? 0.0474 0.0450 0.0447 0.0010  -0.0031 -0.0059 4   AIB A CA  
94  C  C   . AIB A 5  ? 0.0414 0.0471 0.0304 -0.0080 0.0083  0.0008  4   AIB A C   
95  O  O   . AIB A 5  ? 0.0516 0.0576 0.0366 -0.0042 -0.0015 -0.0013 4   AIB A O   
96  C  CB1 . AIB A 5  ? 0.0518 0.0587 0.0387 0.0103  0.0016  -0.0060 4   AIB A CB1 
97  C  CB2 . AIB A 5  ? 0.0655 0.0541 0.0579 -0.0015 -0.0007 -0.0038 4   AIB A CB2 
105 N  N   . ILE A 6  ? 0.0482 0.0377 0.0304 0.0019  0.0036  0.0036  5   ILE A N   
106 C  CA  . ILE A 6  ? 0.0525 0.0448 0.0345 -0.0044 0.0085  -0.0049 5   ILE A CA  
107 C  C   . ILE A 6  ? 0.0472 0.0469 0.0331 0.0060  0.0055  -0.0028 5   ILE A C   
108 O  O   . ILE A 6  ? 0.0586 0.0681 0.0356 -0.0093 0.0038  -0.0069 5   ILE A O   
109 C  CB  . ILE A 6  ? 0.0557 0.0465 0.0359 0.0032  0.0120  0.0020  5   ILE A CB  
110 C  CG1 . ILE A 6  ? 0.0755 0.0384 0.0489 0.0054  0.0171  0.0038  5   ILE A CG1 
111 C  CG2 . ILE A 6  ? 0.0826 0.0521 0.0563 0.0094  0.0122  0.0006  5   ILE A CG2 
112 C  CD1 . ILE A 6  ? 0.1235 0.0735 0.0673 0.0141  0.0244  0.0128  5   ILE A CD1 
124 N  N   . ILE A 7  ? 0.0420 0.0609 0.0260 -0.0022 0.0048  -0.0044 6   ILE A N   
125 C  CA  . ILE A 7  ? 0.0508 0.0719 0.0273 -0.0004 0.0079  -0.0017 6   ILE A CA  
126 C  C   . ILE A 7  ? 0.0429 0.0824 0.0364 -0.0188 0.0036  0.0096  6   ILE A C   
127 O  O   . ILE A 7  ? 0.0604 0.1189 0.0272 -0.0248 -0.0004 0.0075  6   ILE A O   
128 C  CB  . ILE A 7  ? 0.0391 0.1119 0.0396 0.0015  0.0071  -0.0055 6   ILE A CB  
129 C  CG1 A ILE A 7  ? 0.0301 0.1324 0.0382 -0.0084 0.0019  -0.0113 6   ILE A CG1 
132 C  CG2 . ILE A 7  ? 0.0436 0.1748 0.0460 -0.0270 0.0105  -0.0089 6   ILE A CG2 
157 N  N   . AIB A 8  ? 0.0477 0.0738 0.0472 -0.0174 -0.0092 0.0144  7   AIB A N   
158 C  CA  . AIB A 8  ? 0.0662 0.0621 0.0667 -0.0239 -0.0126 0.0188  7   AIB A CA  
159 C  C   . AIB A 8  ? 0.0540 0.0630 0.0501 -0.0087 -0.0141 0.0178  7   AIB A C   
160 O  O   . AIB A 8  ? 0.0621 0.1081 0.0498 -0.0175 -0.0152 0.0341  7   AIB A O   
161 C  CB1 A AIB A 8  ? 0.0718 0.1460 0.0845 -0.0772 -0.0483 0.0613  7   AIB A CB1 
162 C  CB1 B AIB A 8  ? 0.1151 0.0110 0.0968 0.0167  -0.0700 0.0098  7   AIB A CB1 
163 C  CB2 A AIB A 8  ? 0.0663 0.1242 0.0314 -0.0499 0.0045  0.0086  7   AIB A CB2 
164 C  CB2 B AIB A 8  ? 0.0797 0.0826 0.0374 -0.0268 -0.0168 0.0235  7   AIB A CB2 
178 N  N   . AIB A 9  ? 0.0425 0.0664 0.0352 -0.0133 -0.0024 0.0014  8   AIB A N   
179 C  CA  . AIB A 9  ? 0.0432 0.0622 0.0446 -0.0106 -0.0043 -0.0065 8   AIB A CA  
180 C  C   . AIB A 9  ? 0.0490 0.0569 0.0437 -0.0054 -0.0066 -0.0035 8   AIB A C   
181 O  O   . AIB A 9  ? 0.0600 0.0866 0.0493 -0.0067 -0.0167 -0.0126 8   AIB A O   
182 C  CB1 . AIB A 9  ? 0.0452 0.0813 0.0537 -0.0189 0.0056  -0.0102 8   AIB A CB1 
183 C  CB2 . AIB A 9  ? 0.0565 0.0760 0.0728 0.0042  -0.0130 -0.0190 8   AIB A CB2 
191 C  C1  A C9K A 10 ? 0.0825 0.1306 0.0814 0.0193  -0.0087 -0.0570 9   C9K A C1  
192 C  C2  A C9K A 10 ? 0.0999 0.1902 0.0531 0.0433  -0.0119 -0.0619 9   C9K A C2  
193 C  C3  A C9K A 10 ? 0.2261 0.1618 0.0747 0.1290  0.1231  0.0940  9   C9K A C3  
194 N  N2  A C9K A 10 ? 0.1818 0.2241 0.0575 0.0215  0.0161  0.0741  9   C9K A N2  
195 N  N   A C9K A 10 ? 0.0625 0.0845 0.0520 0.0107  -0.0070 -0.0229 9   C9K A N   
196 C  C1B A C9K A 10 ? 0.1947 0.0854 0.1619 0.0236  0.0238  -0.0498 9   C9K A C1B 
197 C  C4  A C9K A 10 ? 0.0944 0.1466 0.0779 -0.0086 0.0201  -0.0350 9   C9K A C4  
198 O  O   A C9K A 10 ? 0.3056 0.3153 0.1652 -0.1626 -0.0925 0.0641  9   C9K A O   
211 C  C1  B C9N A 10 ? 0.0825 0.1306 0.0814 0.0193  -0.0087 -0.0570 9   C9N A C1  
212 C  C2  B C9N A 10 ? 0.0999 0.1902 0.0531 0.0433  -0.0119 -0.0619 9   C9N A C2  
213 C  C3  B C9N A 10 ? 0.1601 0.1449 0.3469 0.0185  0.0939  0.0196  9   C9N A C3  
214 C  C4  B C9N A 10 ? 0.0967 0.2889 0.1185 -0.0161 -0.0242 -0.0372 9   C9N A C4  
215 N  N2  B C9N A 10 ? 0.1007 0.2378 0.0444 0.1307  0.0432  0.0424  9   C9N A N2  
216 N  N   B C9N A 10 ? 0.0625 0.0845 0.0520 0.0107  -0.0070 -0.0229 9   C9N A N   
217 C  C1B B C9N A 10 ? 0.1947 0.0854 0.1619 0.0236  0.0238  -0.0498 9   C9N A C1B 
218 C  CN  B C9N A 10 ? 0.1161 0.1893 0.0510 -0.0389 -0.0056 -0.0258 9   C9N A CN  
219 O  O   B C9N A 10 ? 0.2117 0.1510 0.1715 -0.0354 0.1371  0.0392  9   C9N A O   
233 CL CL  B CL  B .  ? 0.0249 0.0434 0.0576 -0.0081 0.0116  -0.0287 101 CL  A CL  
234 F  F   A F   C .  ? 0.0065 0.0348 0.0154 0.0077  0.0030  -0.0130 102 F   A F   
# 
loop_
_pdbx_poly_seq_scheme.asym_id 
_pdbx_poly_seq_scheme.entity_id 
_pdbx_poly_seq_scheme.seq_id 
_pdbx_poly_seq_scheme.mon_id 
_pdbx_poly_seq_scheme.ndb_seq_num 
_pdbx_poly_seq_scheme.pdb_seq_num 
_pdbx_poly_seq_scheme.auth_seq_num 
_pdbx_poly_seq_scheme.pdb_mon_id 
_pdbx_poly_seq_scheme.auth_mon_id 
_pdbx_poly_seq_scheme.pdb_strand_id 
_pdbx_poly_seq_scheme.pdb_ins_code 
_pdbx_poly_seq_scheme.hetero 
A 1 1  C9T 1  0 0 C9T MOO A . n 
A 1 2  PRO 2  1 1 PRO PRO A . n 
A 1 3  BZK 3  2 2 BZK AMO A . n 
A 1 4  ALA 4  3 3 ALA ALA A . n 
A 1 5  AIB 5  4 4 AIB AIB A . n 
A 1 6  ILE 6  5 5 ILE ILE A . n 
A 1 7  ILE 7  6 6 ILE ILE A . n 
A 1 8  AIB 8  7 7 AIB AIB A . n 
A 1 9  AIB 9  8 8 AIB AIB A . n 
A 1 10 C9K 10 9 9 C9K C9K A . y 
A 1 10 C9N 10 9 9 C9N C9N A . y 
# 
loop_
_pdbx_nonpoly_scheme.asym_id 
_pdbx_nonpoly_scheme.entity_id 
_pdbx_nonpoly_scheme.mon_id 
_pdbx_nonpoly_scheme.ndb_seq_num 
_pdbx_nonpoly_scheme.pdb_seq_num 
_pdbx_nonpoly_scheme.auth_seq_num 
_pdbx_nonpoly_scheme.pdb_mon_id 
_pdbx_nonpoly_scheme.auth_mon_id 
_pdbx_nonpoly_scheme.pdb_strand_id 
_pdbx_nonpoly_scheme.pdb_ins_code 
B 2 CL 1 101 10 CL CL A . 
C 3 F  1 102 10 F  CL A . 
# 
_pdbx_struct_assembly.id                   1 
_pdbx_struct_assembly.details              author_and_software_defined_assembly 
_pdbx_struct_assembly.method_details       PISA 
_pdbx_struct_assembly.oligomeric_details   monomeric 
_pdbx_struct_assembly.oligomeric_count     1 
# 
_pdbx_struct_assembly_gen.assembly_id       1 
_pdbx_struct_assembly_gen.oper_expression   1 
_pdbx_struct_assembly_gen.asym_id_list      A,B,C 
# 
loop_
_pdbx_struct_assembly_prop.biol_id 
_pdbx_struct_assembly_prop.type 
_pdbx_struct_assembly_prop.value 
_pdbx_struct_assembly_prop.details 
1 'ABSA (A^2)' 110  ? 
1 MORE         -3   ? 
1 'SSA (A^2)'  1390 ? 
# 
_pdbx_struct_oper_list.id                   1 
_pdbx_struct_oper_list.type                 'identity operation' 
_pdbx_struct_oper_list.name                 1_555 
_pdbx_struct_oper_list.symmetry_operation   x,y,z 
_pdbx_struct_oper_list.matrix[1][1]         1.0000000000 
_pdbx_struct_oper_list.matrix[1][2]         0.0000000000 
_pdbx_struct_oper_list.matrix[1][3]         0.0000000000 
_pdbx_struct_oper_list.vector[1]            0.0000000000 
_pdbx_struct_oper_list.matrix[2][1]         0.0000000000 
_pdbx_struct_oper_list.matrix[2][2]         1.0000000000 
_pdbx_struct_oper_list.matrix[2][3]         0.0000000000 
_pdbx_struct_oper_list.vector[2]            0.0000000000 
_pdbx_struct_oper_list.matrix[3][1]         0.0000000000 
_pdbx_struct_oper_list.matrix[3][2]         0.0000000000 
_pdbx_struct_oper_list.matrix[3][3]         1.0000000000 
_pdbx_struct_oper_list.vector[3]            0.0000000000 
# 
loop_
_pdbx_audit_revision_history.ordinal 
_pdbx_audit_revision_history.data_content_type 
_pdbx_audit_revision_history.major_revision 
_pdbx_audit_revision_history.minor_revision 
_pdbx_audit_revision_history.revision_date 
1 'Structure model' 1 0 2018-07-18 
2 'Structure model' 1 1 2019-05-29 
3 'Structure model' 2 0 2023-11-15 
# 
_pdbx_audit_revision_details.ordinal             1 
_pdbx_audit_revision_details.revision_ordinal    1 
_pdbx_audit_revision_details.data_content_type   'Structure model' 
_pdbx_audit_revision_details.provider            repository 
_pdbx_audit_revision_details.type                'Initial release' 
_pdbx_audit_revision_details.description         ? 
_pdbx_audit_revision_details.details             ? 
# 
loop_
_pdbx_audit_revision_group.ordinal 
_pdbx_audit_revision_group.revision_ordinal 
_pdbx_audit_revision_group.data_content_type 
_pdbx_audit_revision_group.group 
1 2 'Structure model' 'Data collection'      
2 2 'Structure model' 'Structure summary'    
3 3 'Structure model' 'Atomic model'         
4 3 'Structure model' 'Data collection'      
5 3 'Structure model' 'Database references'  
6 3 'Structure model' 'Derived calculations' 
# 
loop_
_pdbx_audit_revision_category.ordinal 
_pdbx_audit_revision_category.revision_ordinal 
_pdbx_audit_revision_category.data_content_type 
_pdbx_audit_revision_category.category 
1 2 'Structure model' struct_keywords 
2 3 'Structure model' atom_site       
3 3 'Structure model' chem_comp_atom  
4 3 'Structure model' chem_comp_bond  
5 3 'Structure model' database_2      
6 3 'Structure model' struct_conn     
# 
loop_
_pdbx_audit_revision_item.ordinal 
_pdbx_audit_revision_item.revision_ordinal 
_pdbx_audit_revision_item.data_content_type 
_pdbx_audit_revision_item.item 
1 2 'Structure model' '_struct_keywords.text'               
2 3 'Structure model' '_atom_site.auth_atom_id'             
3 3 'Structure model' '_atom_site.label_atom_id'            
4 3 'Structure model' '_database_2.pdbx_DOI'                
5 3 'Structure model' '_database_2.pdbx_database_accession' 
6 3 'Structure model' '_struct_conn.pdbx_leaving_atom_flag' 
# 
loop_
_software.citation_id 
_software.classification 
_software.compiler_name 
_software.compiler_version 
_software.contact_author 
_software.contact_author_email 
_software.date 
_software.description 
_software.dependencies 
_software.hardware 
_software.language 
_software.location 
_software.mods 
_software.name 
_software.os 
_software.os_version 
_software.type 
_software.version 
_software.pdbx_ordinal 
? refinement       ? ? ? ? ? ? ? ? ? ? ? SHELXL         ? ? ? . 1 
? 'data reduction' ? ? ? ? ? ? ? ? ? ? ? 'PROTEUM PLUS' ? ? ? . 2 
? 'data scaling'   ? ? ? ? ? ? ? ? ? ? ? SAINT          ? ? ? . 3 
? phasing          ? ? ? ? ? ? ? ? ? ? ? SHELXS         ? ? ? . 4 
# 
loop_
_pdbx_validate_rmsd_angle.id 
_pdbx_validate_rmsd_angle.PDB_model_num 
_pdbx_validate_rmsd_angle.auth_atom_id_1 
_pdbx_validate_rmsd_angle.auth_asym_id_1 
_pdbx_validate_rmsd_angle.auth_comp_id_1 
_pdbx_validate_rmsd_angle.auth_seq_id_1 
_pdbx_validate_rmsd_angle.PDB_ins_code_1 
_pdbx_validate_rmsd_angle.label_alt_id_1 
_pdbx_validate_rmsd_angle.auth_atom_id_2 
_pdbx_validate_rmsd_angle.auth_asym_id_2 
_pdbx_validate_rmsd_angle.auth_comp_id_2 
_pdbx_validate_rmsd_angle.auth_seq_id_2 
_pdbx_validate_rmsd_angle.PDB_ins_code_2 
_pdbx_validate_rmsd_angle.label_alt_id_2 
_pdbx_validate_rmsd_angle.auth_atom_id_3 
_pdbx_validate_rmsd_angle.auth_asym_id_3 
_pdbx_validate_rmsd_angle.auth_comp_id_3 
_pdbx_validate_rmsd_angle.auth_seq_id_3 
_pdbx_validate_rmsd_angle.PDB_ins_code_3 
_pdbx_validate_rmsd_angle.label_alt_id_3 
_pdbx_validate_rmsd_angle.angle_value 
_pdbx_validate_rmsd_angle.angle_target_value 
_pdbx_validate_rmsd_angle.angle_deviation 
_pdbx_validate_rmsd_angle.angle_standard_deviation 
_pdbx_validate_rmsd_angle.linker_flag 
1 1 CG1 A ILE 6 ? B CB A ILE 6 ? ? CG2 A ILE 6 ? ? 91.69 111.40 -19.71 2.20 N 
2 1 CA  A ILE 6 ? ? CB A ILE 6 ? ? CG1 A ILE 6 ? C 93.26 111.00 -17.74 1.90 N 
# 
loop_
_chem_comp_atom.comp_id 
_chem_comp_atom.atom_id 
_chem_comp_atom.type_symbol 
_chem_comp_atom.pdbx_aromatic_flag 
_chem_comp_atom.pdbx_stereo_config 
_chem_comp_atom.pdbx_ordinal 
AIB N    N  N N 1   
AIB CA   C  N N 2   
AIB C    C  N N 3   
AIB O    O  N N 4   
AIB OXT  O  N N 5   
AIB CB1  C  N N 6   
AIB CB2  C  N N 7   
AIB H    H  N N 8   
AIB H2   H  N N 9   
AIB HXT  H  N N 10  
AIB HB11 H  N N 11  
AIB HB12 H  N N 12  
AIB HB13 H  N N 13  
AIB HB21 H  N N 14  
AIB HB22 H  N N 15  
AIB HB23 H  N N 16  
ALA N    N  N N 17  
ALA CA   C  N S 18  
ALA C    C  N N 19  
ALA O    O  N N 20  
ALA CB   C  N N 21  
ALA OXT  O  N N 22  
ALA H    H  N N 23  
ALA H2   H  N N 24  
ALA HA   H  N N 25  
ALA HB1  H  N N 26  
ALA HB2  H  N N 27  
ALA HB3  H  N N 28  
ALA HXT  H  N N 29  
BZK N    N  N N 30  
BZK CA   C  N S 31  
BZK CB   C  N N 32  
BZK C    C  N N 33  
BZK O    O  N N 34  
BZK CG1  C  N S 35  
BZK CGB  C  N N 36  
BZK CD   C  N N 37  
BZK CE   C  N S 38  
BZK OE   O  N N 39  
BZK CZ   C  N N 40  
BZK CH   C  N N 41  
BZK OH   O  N N 42  
BZK CI   C  N N 43  
BZK CK   C  N N 44  
BZK H    H  N N 45  
BZK H2   H  N N 46  
BZK HA   H  N N 47  
BZK HB2  H  N N 48  
BZK HB1  H  N N 49  
BZK HG1  H  N N 50  
BZK H4   H  N N 51  
BZK HGB  H  N N 52  
BZK H5   H  N N 53  
BZK HD2  H  N N 54  
BZK HD1  H  N N 55  
BZK HE   H  N N 56  
BZK HOE  H  N N 57  
BZK HZ2  H  N N 58  
BZK HZ1  H  N N 59  
BZK HI1  H  N N 60  
BZK HI2  H  N N 61  
BZK HK2  H  N N 62  
BZK HK1  H  N N 63  
BZK HK3  H  N N 64  
BZK OXT  O  N N 65  
BZK HXT  H  N N 66  
C9K C1   C  N S 67  
C9K C2   C  N N 68  
C9K C3   C  N N 69  
C9K N2   N  N N 70  
C9K N    N  N N 71  
C9K C1B  C  N N 72  
C9K C4   C  N N 73  
C9K O    O  N N 74  
C9K H1   H  N N 75  
C9K H22  H  N N 76  
C9K H21  H  N N 77  
C9K H31  H  N N 78  
C9K H32  H  N N 79  
C9K H2   H  N N 80  
C9K H4   H  N N 81  
C9K H5   H  N N 82  
C9K HB3  H  N N 83  
C9K HB2  H  N N 84  
C9K HB1  H  N N 85  
C9K H41  H  N N 86  
C9K H42  H  N N 87  
C9K H    H  N N 88  
C9N C1   C  N S 89  
C9N C2   C  N N 90  
C9N C3   C  N N 91  
C9N C4   C  N N 92  
C9N N2   N  N N 93  
C9N N    N  N N 94  
C9N C1B  C  N N 95  
C9N CN   C  N N 96  
C9N O    O  N N 97  
C9N H1   H  N N 98  
C9N H2   H  N N 99  
C9N H3   H  N N 100 
C9N H31  H  N N 101 
C9N H32  H  N N 102 
C9N H5   H  N N 103 
C9N H6   H  N N 104 
C9N HB3  H  N N 105 
C9N HB2  H  N N 106 
C9N HB1  H  N N 107 
C9N HN2  H  N N 108 
C9N HN1  H  N N 109 
C9N HN3  H  N N 110 
C9N H    H  N N 111 
C9N H42  H  N N 112 
C9N H4   H  N N 113 
C9T C1   C  N N 114 
C9T C2   C  N N 115 
C9T C3   C  N N 116 
C9T C4   C  N N 117 
C9T C5   C  N N 118 
C9T C6   C  N N 119 
C9T C7   C  N R 120 
C9T C7B  C  N N 121 
C9T C    C  N N 122 
C9T O    O  N N 123 
C9T H11  H  N N 124 
C9T H13  H  N N 125 
C9T H12  H  N N 126 
C9T H21  H  N N 127 
C9T H22  H  N N 128 
C9T H32  H  N N 129 
C9T H31  H  N N 130 
C9T H41  H  N N 131 
C9T H42  H  N N 132 
C9T H52  H  N N 133 
C9T H51  H  N N 134 
C9T H61  H  N N 135 
C9T H62  H  N N 136 
C9T H7   H  N N 137 
C9T HB2  H  N N 138 
C9T HB1  H  N N 139 
C9T HB3  H  N N 140 
C9T O1   O  N N 141 
C9T H1   H  N N 142 
CL  CL   CL N N 143 
F   F    F  N N 144 
ILE N    N  N N 145 
ILE CA   C  N S 146 
ILE C    C  N N 147 
ILE O    O  N N 148 
ILE CB   C  N S 149 
ILE CG1  C  N N 150 
ILE CG2  C  N N 151 
ILE CD1  C  N N 152 
ILE OXT  O  N N 153 
ILE H    H  N N 154 
ILE H2   H  N N 155 
ILE HA   H  N N 156 
ILE HB   H  N N 157 
ILE HG12 H  N N 158 
ILE HG13 H  N N 159 
ILE HG21 H  N N 160 
ILE HG22 H  N N 161 
ILE HG23 H  N N 162 
ILE HD11 H  N N 163 
ILE HD12 H  N N 164 
ILE HD13 H  N N 165 
ILE HXT  H  N N 166 
PRO N    N  N N 167 
PRO CA   C  N S 168 
PRO C    C  N N 169 
PRO O    O  N N 170 
PRO CB   C  N N 171 
PRO CG   C  N N 172 
PRO CD   C  N N 173 
PRO OXT  O  N N 174 
PRO H    H  N N 175 
PRO HA   H  N N 176 
PRO HB2  H  N N 177 
PRO HB3  H  N N 178 
PRO HG2  H  N N 179 
PRO HG3  H  N N 180 
PRO HD2  H  N N 181 
PRO HD3  H  N N 182 
PRO HXT  H  N N 183 
# 
loop_
_chem_comp_bond.comp_id 
_chem_comp_bond.atom_id_1 
_chem_comp_bond.atom_id_2 
_chem_comp_bond.value_order 
_chem_comp_bond.pdbx_aromatic_flag 
_chem_comp_bond.pdbx_stereo_config 
_chem_comp_bond.pdbx_ordinal 
AIB N   CA   sing N N 1   
AIB N   H    sing N N 2   
AIB N   H2   sing N N 3   
AIB CA  C    sing N N 4   
AIB CA  CB1  sing N N 5   
AIB CA  CB2  sing N N 6   
AIB C   O    doub N N 7   
AIB C   OXT  sing N N 8   
AIB OXT HXT  sing N N 9   
AIB CB1 HB11 sing N N 10  
AIB CB1 HB12 sing N N 11  
AIB CB1 HB13 sing N N 12  
AIB CB2 HB21 sing N N 13  
AIB CB2 HB22 sing N N 14  
AIB CB2 HB23 sing N N 15  
ALA N   CA   sing N N 16  
ALA N   H    sing N N 17  
ALA N   H2   sing N N 18  
ALA CA  C    sing N N 19  
ALA CA  CB   sing N N 20  
ALA CA  HA   sing N N 21  
ALA C   O    doub N N 22  
ALA C   OXT  sing N N 23  
ALA CB  HB1  sing N N 24  
ALA CB  HB2  sing N N 25  
ALA CB  HB3  sing N N 26  
ALA OXT HXT  sing N N 27  
BZK N   CA   sing N N 28  
BZK CGB CG1  sing N N 29  
BZK CA  C    sing N N 30  
BZK CA  CB   sing N N 31  
BZK CG1 CB   sing N N 32  
BZK CG1 CD   sing N N 33  
BZK C   O    doub N N 34  
BZK CD  CE   sing N N 35  
BZK OE  CE   sing N N 36  
BZK CE  CZ   sing N N 37  
BZK CZ  CH   sing N N 38  
BZK OH  CH   doub N N 39  
BZK CH  CI   sing N N 40  
BZK CI  CK   sing N N 41  
BZK N   H    sing N N 42  
BZK N   H2   sing N N 43  
BZK CA  HA   sing N N 44  
BZK CB  HB2  sing N N 45  
BZK CB  HB1  sing N N 46  
BZK CG1 HG1  sing N N 47  
BZK CGB H4   sing N N 48  
BZK CGB HGB  sing N N 49  
BZK CGB H5   sing N N 50  
BZK CD  HD2  sing N N 51  
BZK CD  HD1  sing N N 52  
BZK CE  HE   sing N N 53  
BZK OE  HOE  sing N N 54  
BZK CZ  HZ2  sing N N 55  
BZK CZ  HZ1  sing N N 56  
BZK CI  HI1  sing N N 57  
BZK CI  HI2  sing N N 58  
BZK CK  HK2  sing N N 59  
BZK CK  HK1  sing N N 60  
BZK CK  HK3  sing N N 61  
BZK C   OXT  sing N N 62  
BZK OXT HXT  sing N N 63  
C9K N   C1   sing N N 64  
C9K C1B C1   sing N N 65  
C9K C1  C2   sing N N 66  
C9K C2  N2   sing N N 67  
C9K N2  C3   sing N N 68  
C9K O   C4   sing N N 69  
C9K C3  C4   sing N N 70  
C9K C1  H1   sing N N 71  
C9K C2  H22  sing N N 72  
C9K C2  H21  sing N N 73  
C9K C3  H31  sing N N 74  
C9K C3  H32  sing N N 75  
C9K N2  H2   sing N N 76  
C9K N   H4   sing N N 77  
C9K N   H5   sing N N 78  
C9K C1B HB3  sing N N 79  
C9K C1B HB2  sing N N 80  
C9K C1B HB1  sing N N 81  
C9K C4  H41  sing N N 82  
C9K C4  H42  sing N N 83  
C9K O   H    sing N N 84  
C9N N   C1   sing N N 85  
C9N C1B C1   sing N N 86  
C9N C1  C2   sing N N 87  
C9N C2  N2   sing N N 88  
C9N CN  N2   sing N N 89  
C9N N2  C3   sing N N 90  
C9N C3  C4   sing N N 91  
C9N C4  O    sing N N 92  
C9N C1  H1   sing N N 93  
C9N C2  H2   sing N N 94  
C9N C2  H3   sing N N 95  
C9N C3  H31  sing N N 96  
C9N C3  H32  sing N N 97  
C9N N   H5   sing N N 98  
C9N N   H6   sing N N 99  
C9N C1B HB3  sing N N 100 
C9N C1B HB2  sing N N 101 
C9N C1B HB1  sing N N 102 
C9N CN  HN2  sing N N 103 
C9N CN  HN1  sing N N 104 
C9N CN  HN3  sing N N 105 
C9N O   H    sing N N 106 
C9N C4  H42  sing N N 107 
C9N C4  H4   sing N N 108 
C9T C2  C1   sing N N 109 
C9T C2  C3   sing N N 110 
C9T C6  C5   sing N N 111 
C9T C6  C7   sing N N 112 
C9T C   O    doub N N 113 
C9T C   C7   sing N N 114 
C9T C7  C7B  sing N N 115 
C9T C5  C4   sing N N 116 
C9T C4  C3   sing N N 117 
C9T C1  H11  sing N N 118 
C9T C1  H13  sing N N 119 
C9T C1  H12  sing N N 120 
C9T C2  H21  sing N N 121 
C9T C2  H22  sing N N 122 
C9T C3  H32  sing N N 123 
C9T C3  H31  sing N N 124 
C9T C4  H41  sing N N 125 
C9T C4  H42  sing N N 126 
C9T C5  H52  sing N N 127 
C9T C5  H51  sing N N 128 
C9T C6  H61  sing N N 129 
C9T C6  H62  sing N N 130 
C9T C7  H7   sing N N 131 
C9T C7B HB2  sing N N 132 
C9T C7B HB1  sing N N 133 
C9T C7B HB3  sing N N 134 
C9T C   O1   sing N N 135 
C9T O1  H1   sing N N 136 
ILE N   CA   sing N N 137 
ILE N   H    sing N N 138 
ILE N   H2   sing N N 139 
ILE CA  C    sing N N 140 
ILE CA  CB   sing N N 141 
ILE CA  HA   sing N N 142 
ILE C   O    doub N N 143 
ILE C   OXT  sing N N 144 
ILE CB  CG1  sing N N 145 
ILE CB  CG2  sing N N 146 
ILE CB  HB   sing N N 147 
ILE CG1 CD1  sing N N 148 
ILE CG1 HG12 sing N N 149 
ILE CG1 HG13 sing N N 150 
ILE CG2 HG21 sing N N 151 
ILE CG2 HG22 sing N N 152 
ILE CG2 HG23 sing N N 153 
ILE CD1 HD11 sing N N 154 
ILE CD1 HD12 sing N N 155 
ILE CD1 HD13 sing N N 156 
ILE OXT HXT  sing N N 157 
PRO N   CA   sing N N 158 
PRO N   CD   sing N N 159 
PRO N   H    sing N N 160 
PRO CA  C    sing N N 161 
PRO CA  CB   sing N N 162 
PRO CA  HA   sing N N 163 
PRO C   O    doub N N 164 
PRO C   OXT  sing N N 165 
PRO CB  CG   sing N N 166 
PRO CB  HB2  sing N N 167 
PRO CB  HB3  sing N N 168 
PRO CG  CD   sing N N 169 
PRO CG  HG2  sing N N 170 
PRO CG  HG3  sing N N 171 
PRO CD  HD2  sing N N 172 
PRO CD  HD3  sing N N 173 
PRO OXT HXT  sing N N 174 
# 
loop_
_pdbx_entity_nonpoly.entity_id 
_pdbx_entity_nonpoly.name 
_pdbx_entity_nonpoly.comp_id 
2 'CHLORIDE ION' CL 
3 'FLUORIDE ION' F  
# 
_pdbx_struct_assembly_auth_evidence.id                     1 
_pdbx_struct_assembly_auth_evidence.assembly_id            1 
_pdbx_struct_assembly_auth_evidence.experimental_support   none 
_pdbx_struct_assembly_auth_evidence.details                ? 
# 
